data_2OQ6
#
_entry.id   2OQ6
#
_cell.length_a   101.347
_cell.length_b   149.880
_cell.length_c   57.260
_cell.angle_alpha   90.00
_cell.angle_beta   90.00
_cell.angle_gamma   90.00
#
_symmetry.space_group_name_H-M   'P 21 21 2'
#
loop_
_entity.id
_entity.type
_entity.pdbx_description
1 polymer 'JmjC domain-containing histone demethylation protein 3A'
2 polymer 'synthetic peptide'
3 non-polymer 'NICKEL (II) ION'
4 non-polymer 'ZINC ION'
5 non-polymer N-OXALYLGLYCINE
6 water water
#
loop_
_entity_poly.entity_id
_entity_poly.type
_entity_poly.pdbx_seq_one_letter_code
_entity_poly.pdbx_strand_id
1 'polypeptide(L)'
;MHHHHHHSSGVDLGTENLYFQSMASESETLNPSARIMTFYPTMEEFRNFSRYIAYIESQGAHRAGLAKVVPPKEWKPRAS
YDDIDDLVIPAPIQQLVTGQSGLFTQYNIQKKAMTVREFRKIANSDKYCTPRYSEFEELERKYWKNLTFNPPIYGADVNG
TLYEKHVDEWNIGRLRTILDLVEKESGITIEGVNTPYLYFGMWKTSFAWHTEDMDLYSINYLHFGEPKSWYSVPPEHGKR
LERLAKGFFPGSAQSCEAFLRHKMTLISPLMLKKYGIPFDKVTQEAGEFMITFPYGYHAGFNHGFNCAESTNFATRRWIE
YGKQAVLCSCRKDMVKISMDVFVRKFQPERYKLWKAGKDNTVIDHTLPTPEAAEFLKESEL
;
A,B
2 'polypeptide(L)' AR(M3L)STGG(ALY) C,D
#
# COMPACT_ATOMS: atom_id res chain seq x y z
N LEU A 30 -2.44 -0.97 20.56
CA LEU A 30 -3.91 -0.73 20.65
C LEU A 30 -4.56 -0.74 19.24
N ASN A 31 -5.23 -1.85 18.92
CA ASN A 31 -5.56 -2.26 17.55
C ASN A 31 -4.37 -2.08 16.58
N PRO A 32 -3.21 -2.68 16.90
CA PRO A 32 -2.01 -2.48 16.06
C PRO A 32 -2.17 -2.96 14.61
N SER A 33 -3.05 -3.93 14.39
CA SER A 33 -3.38 -4.41 13.04
C SER A 33 -4.24 -3.42 12.24
N ALA A 34 -4.87 -2.46 12.93
CA ALA A 34 -5.74 -1.48 12.29
C ALA A 34 -6.89 -2.16 11.54
N ARG A 35 -7.35 -3.28 12.09
CA ARG A 35 -8.48 -4.04 11.55
C ARG A 35 -9.83 -3.44 11.99
N ILE A 36 -10.87 -3.64 11.16
CA ILE A 36 -12.21 -3.15 11.47
C ILE A 36 -12.79 -3.91 12.67
N MET A 37 -13.18 -3.15 13.70
CA MET A 37 -13.73 -3.71 14.93
C MET A 37 -15.25 -3.58 14.95
N THR A 38 -15.90 -4.55 15.60
CA THR A 38 -17.34 -4.59 15.77
C THR A 38 -17.66 -4.59 17.26
N PHE A 39 -18.67 -3.82 17.64
CA PHE A 39 -19.03 -3.57 19.05
C PHE A 39 -20.48 -3.87 19.30
N TYR A 40 -20.75 -4.41 20.49
CA TYR A 40 -22.08 -4.79 20.93
C TYR A 40 -22.38 -4.12 22.27
N PRO A 41 -22.66 -2.81 22.27
CA PRO A 41 -22.95 -2.16 23.54
C PRO A 41 -24.24 -2.65 24.18
N THR A 42 -24.26 -2.62 25.51
CA THR A 42 -25.51 -2.71 26.25
C THR A 42 -26.28 -1.42 26.04
N MET A 43 -27.55 -1.43 26.44
CA MET A 43 -28.39 -0.24 26.34
C MET A 43 -27.82 0.88 27.19
N GLU A 44 -27.26 0.53 28.35
CA GLU A 44 -26.60 1.51 29.23
C GLU A 44 -25.40 2.18 28.56
N GLU A 45 -24.55 1.39 27.92
CA GLU A 45 -23.41 1.92 27.18
C GLU A 45 -23.87 2.73 25.96
N PHE A 46 -24.90 2.21 25.28
CA PHE A 46 -25.42 2.79 24.04
C PHE A 46 -25.91 4.23 24.20
N ARG A 47 -26.51 4.54 25.36
CA ARG A 47 -27.28 5.76 25.55
C ARG A 47 -26.56 7.08 25.24
N ASN A 48 -25.32 7.23 25.71
CA ASN A 48 -24.56 8.45 25.46
C ASN A 48 -23.63 8.29 24.23
N PHE A 49 -24.08 8.83 23.10
CA PHE A 49 -23.40 8.65 21.81
C PHE A 49 -21.92 9.06 21.81
N SER A 50 -21.65 10.32 22.14
CA SER A 50 -20.28 10.85 22.11
C SER A 50 -19.36 10.07 23.05
N ARG A 51 -19.90 9.72 24.20
CA ARG A 51 -19.19 8.91 25.13
C ARG A 51 -18.81 7.55 24.55
N TYR A 52 -19.76 6.89 23.87
CA TYR A 52 -19.45 5.60 23.26
C TYR A 52 -18.42 5.70 22.11
N ILE A 53 -18.43 6.79 21.37
CA ILE A 53 -17.41 6.99 20.35
C ILE A 53 -16.04 7.12 21.02
N ALA A 54 -15.96 7.87 22.13
CA ALA A 54 -14.71 7.96 22.91
C ALA A 54 -14.24 6.57 23.38
N TYR A 55 -15.19 5.78 23.85
CA TYR A 55 -14.91 4.40 24.21
C TYR A 55 -14.33 3.55 23.06
N ILE A 56 -14.97 3.54 21.89
CA ILE A 56 -14.49 2.68 20.82
C ILE A 56 -13.11 3.15 20.35
N GLU A 57 -12.87 4.47 20.39
CA GLU A 57 -11.52 4.98 20.14
C GLU A 57 -10.50 4.53 21.20
N SER A 58 -10.89 4.42 22.48
CA SER A 58 -9.99 3.90 23.52
C SER A 58 -9.59 2.45 23.26
N GLN A 59 -10.41 1.74 22.49
CA GLN A 59 -10.10 0.41 22.04
C GLN A 59 -9.32 0.35 20.71
N GLY A 60 -8.96 1.49 20.13
CA GLY A 60 -8.22 1.53 18.85
C GLY A 60 -9.06 1.40 17.56
N ALA A 61 -10.38 1.52 17.69
CA ALA A 61 -11.31 1.32 16.54
C ALA A 61 -11.04 2.29 15.40
N HIS A 62 -10.71 3.53 15.73
CA HIS A 62 -10.42 4.58 14.73
C HIS A 62 -9.24 4.29 13.79
N ARG A 63 -8.32 3.44 14.22
CA ARG A 63 -7.17 3.08 13.41
C ARG A 63 -7.53 2.40 12.10
N ALA A 64 -8.65 1.66 12.07
CA ALA A 64 -9.17 1.01 10.85
C ALA A 64 -9.83 2.01 9.84
N GLY A 65 -10.30 3.16 10.34
CA GLY A 65 -11.04 4.14 9.54
C GLY A 65 -12.52 3.91 9.54
N LEU A 66 -12.91 2.69 9.95
CA LEU A 66 -14.29 2.24 9.98
C LEU A 66 -14.52 1.27 11.13
N ALA A 67 -15.69 1.40 11.75
CA ALA A 67 -16.16 0.49 12.79
C ALA A 67 -17.64 0.19 12.66
N LYS A 68 -18.02 -0.99 13.13
CA LYS A 68 -19.40 -1.41 13.23
C LYS A 68 -19.86 -1.40 14.68
N VAL A 69 -21.06 -0.85 14.89
CA VAL A 69 -21.76 -0.93 16.16
C VAL A 69 -23.13 -1.58 15.93
N VAL A 70 -23.32 -2.73 16.57
CA VAL A 70 -24.59 -3.45 16.57
C VAL A 70 -25.35 -3.01 17.83
N PRO A 71 -26.49 -2.32 17.66
CA PRO A 71 -27.16 -1.80 18.87
C PRO A 71 -27.86 -2.91 19.65
N PRO A 72 -28.23 -2.62 20.93
CA PRO A 72 -28.94 -3.63 21.73
C PRO A 72 -30.23 -4.06 21.04
N LYS A 73 -30.57 -5.35 21.16
CA LYS A 73 -31.72 -5.93 20.46
C LYS A 73 -33.02 -5.13 20.68
N GLU A 74 -33.23 -4.68 21.92
CA GLU A 74 -34.45 -3.97 22.29
C GLU A 74 -34.63 -2.62 21.57
N TRP A 75 -33.52 -2.04 21.12
CA TRP A 75 -33.57 -0.73 20.49
C TRP A 75 -34.12 -0.80 19.06
N LYS A 76 -35.01 0.13 18.74
CA LYS A 76 -35.55 0.29 17.38
C LYS A 76 -35.80 1.80 17.16
N PRO A 77 -35.36 2.37 16.03
CA PRO A 77 -35.56 3.80 15.80
C PRO A 77 -36.95 4.14 15.22
N ARG A 78 -37.65 3.12 14.74
CA ARG A 78 -38.93 3.29 14.09
C ARG A 78 -39.70 1.98 14.22
N ALA A 79 -40.95 2.09 14.70
CA ALA A 79 -41.82 0.95 14.89
C ALA A 79 -42.08 0.21 13.59
N SER A 80 -42.37 0.94 12.50
CA SER A 80 -42.47 0.29 11.19
C SER A 80 -42.20 1.18 9.98
N TYR A 81 -41.74 0.54 8.90
CA TYR A 81 -41.44 1.20 7.64
C TYR A 81 -42.51 0.95 6.55
N ASP A 82 -43.77 0.73 6.96
CA ASP A 82 -44.90 0.46 6.04
C ASP A 82 -45.46 1.73 5.37
N ASP A 83 -45.19 2.88 5.99
CA ASP A 83 -45.80 4.15 5.58
C ASP A 83 -44.93 5.02 4.66
N ILE A 84 -43.86 4.47 4.09
CA ILE A 84 -42.88 5.34 3.44
C ILE A 84 -42.90 5.25 1.91
N ASP A 85 -43.88 4.54 1.35
CA ASP A 85 -43.90 4.32 -0.11
C ASP A 85 -44.20 5.62 -0.89
N ASP A 86 -44.86 6.57 -0.24
CA ASP A 86 -45.15 7.91 -0.80
C ASP A 86 -44.01 8.92 -0.61
N LEU A 87 -43.01 8.56 0.18
CA LEU A 87 -41.83 9.43 0.35
C LEU A 87 -41.19 9.68 -1.01
N VAL A 88 -40.91 10.95 -1.32
CA VAL A 88 -40.34 11.35 -2.60
C VAL A 88 -38.82 11.40 -2.57
N ILE A 89 -38.21 10.84 -3.63
CA ILE A 89 -36.78 10.92 -3.90
C ILE A 89 -36.62 11.98 -4.99
N PRO A 90 -36.29 13.23 -4.61
CA PRO A 90 -36.32 14.32 -5.59
C PRO A 90 -35.31 14.26 -6.76
N ALA A 91 -34.15 13.65 -6.56
CA ALA A 91 -33.10 13.70 -7.57
C ALA A 91 -32.35 12.37 -7.58
N PRO A 92 -33.00 11.28 -8.01
CA PRO A 92 -32.32 10.00 -8.02
C PRO A 92 -31.26 10.03 -9.11
N ILE A 93 -30.16 9.33 -8.90
CA ILE A 93 -29.04 9.39 -9.85
C ILE A 93 -28.79 8.05 -10.53
N GLN A 94 -28.71 8.05 -11.85
CA GLN A 94 -28.27 6.87 -12.59
C GLN A 94 -26.73 6.85 -12.59
N GLN A 95 -26.18 5.71 -12.25
CA GLN A 95 -24.72 5.60 -12.03
C GLN A 95 -24.00 4.94 -13.19
N LEU A 96 -23.54 5.76 -14.13
CA LEU A 96 -22.78 5.27 -15.27
C LEU A 96 -21.28 5.12 -14.94
N VAL A 97 -20.76 3.90 -15.05
CA VAL A 97 -19.35 3.61 -14.70
C VAL A 97 -18.58 3.22 -15.97
N THR A 98 -17.41 3.85 -16.11
CA THR A 98 -16.49 3.62 -17.21
C THR A 98 -15.13 3.17 -16.65
N GLY A 99 -14.53 2.16 -17.27
CA GLY A 99 -13.19 1.73 -16.90
C GLY A 99 -12.93 0.25 -17.06
N GLN A 100 -11.79 -0.20 -16.56
CA GLN A 100 -11.37 -1.57 -16.72
C GLN A 100 -10.24 -1.84 -15.75
N SER A 101 -9.96 -3.12 -15.51
CA SER A 101 -8.75 -3.54 -14.81
C SER A 101 -8.68 -2.94 -13.40
N GLY A 102 -9.81 -2.91 -12.72
CA GLY A 102 -9.91 -2.44 -11.35
C GLY A 102 -9.94 -0.93 -11.12
N LEU A 103 -9.91 -0.14 -12.19
CA LEU A 103 -9.90 1.31 -12.11
C LEU A 103 -11.07 1.89 -12.91
N PHE A 104 -11.95 2.62 -12.22
CA PHE A 104 -13.18 3.15 -12.80
C PHE A 104 -13.50 4.57 -12.41
N THR A 105 -14.23 5.24 -13.31
CA THR A 105 -14.82 6.52 -13.02
C THR A 105 -16.34 6.44 -13.11
N GLN A 106 -17.01 6.90 -12.04
CA GLN A 106 -18.47 6.92 -11.95
C GLN A 106 -19.04 8.30 -12.27
N TYR A 107 -19.96 8.33 -13.24
CA TYR A 107 -20.73 9.53 -13.63
C TYR A 107 -22.14 9.41 -13.13
N ASN A 108 -22.57 10.38 -12.31
CA ASN A 108 -23.83 10.32 -11.58
C ASN A 108 -24.78 11.26 -12.28
N ILE A 109 -25.73 10.70 -13.04
CA ILE A 109 -26.69 11.47 -13.85
C ILE A 109 -28.08 11.57 -13.18
N GLN A 110 -28.47 12.80 -12.84
CA GLN A 110 -29.75 13.07 -12.18
C GLN A 110 -30.92 12.76 -13.08
N LYS A 111 -31.81 11.90 -12.57
CA LYS A 111 -33.08 11.59 -13.21
C LYS A 111 -34.24 12.36 -12.52
N LYS A 112 -35.43 12.20 -13.08
CA LYS A 112 -36.66 12.76 -12.52
C LYS A 112 -36.97 12.22 -11.14
N ALA A 113 -37.59 13.06 -10.33
CA ALA A 113 -38.15 12.62 -9.03
C ALA A 113 -38.99 11.37 -9.20
N MET A 114 -38.93 10.50 -8.20
CA MET A 114 -39.79 9.34 -8.14
C MET A 114 -40.07 9.05 -6.69
N THR A 115 -41.08 8.24 -6.42
CA THR A 115 -41.42 7.89 -5.04
C THR A 115 -40.61 6.64 -4.64
N VAL A 116 -40.63 6.30 -3.35
CA VAL A 116 -40.03 5.05 -2.87
C VAL A 116 -40.71 3.79 -3.45
N ARG A 117 -42.04 3.83 -3.58
CA ARG A 117 -42.76 2.78 -4.32
C ARG A 117 -42.16 2.59 -5.72
N GLU A 118 -42.07 3.69 -6.48
CA GLU A 118 -41.56 3.59 -7.87
C GLU A 118 -40.12 3.08 -7.90
N PHE A 119 -39.32 3.47 -6.90
CA PHE A 119 -37.93 3.07 -6.79
C PHE A 119 -37.80 1.56 -6.47
N ARG A 120 -38.58 1.12 -5.48
CA ARG A 120 -38.49 -0.28 -5.05
C ARG A 120 -38.93 -1.21 -6.19
N LYS A 121 -39.97 -0.79 -6.94
CA LYS A 121 -40.45 -1.56 -8.12
C LYS A 121 -39.29 -1.79 -9.05
N ILE A 122 -38.56 -0.73 -9.40
CA ILE A 122 -37.41 -0.85 -10.31
C ILE A 122 -36.31 -1.73 -9.68
N ALA A 123 -35.98 -1.48 -8.42
CA ALA A 123 -34.91 -2.21 -7.71
C ALA A 123 -35.13 -3.73 -7.67
N ASN A 124 -36.36 -4.16 -7.46
CA ASN A 124 -36.66 -5.59 -7.38
C ASN A 124 -37.01 -6.25 -8.72
N SER A 125 -37.11 -5.45 -9.79
CA SER A 125 -37.44 -5.98 -11.11
C SER A 125 -36.33 -6.85 -11.61
N ASP A 126 -36.65 -7.77 -12.51
CA ASP A 126 -35.71 -8.74 -13.09
C ASP A 126 -34.44 -8.09 -13.64
N LYS A 127 -34.59 -6.89 -14.18
CA LYS A 127 -33.49 -6.14 -14.80
C LYS A 127 -32.44 -5.65 -13.80
N TYR A 128 -32.90 -5.22 -12.63
CA TYR A 128 -32.02 -4.53 -11.67
C TYR A 128 -31.80 -5.29 -10.38
N CYS A 129 -32.49 -6.42 -10.18
CA CYS A 129 -32.43 -7.10 -8.87
C CYS A 129 -31.10 -7.84 -8.66
N THR A 130 -30.86 -8.21 -7.40
CA THR A 130 -29.62 -8.86 -6.97
C THR A 130 -29.44 -10.21 -7.67
N PRO A 131 -28.26 -10.47 -8.24
CA PRO A 131 -28.07 -11.81 -8.80
C PRO A 131 -28.00 -12.91 -7.74
N ARG A 132 -28.23 -14.15 -8.16
CA ARG A 132 -28.12 -15.31 -7.27
C ARG A 132 -26.66 -15.58 -6.91
N TYR A 133 -26.40 -15.91 -5.64
CA TYR A 133 -25.03 -16.18 -5.18
C TYR A 133 -25.04 -16.88 -3.81
N SER A 134 -23.95 -17.59 -3.50
CA SER A 134 -23.82 -18.33 -2.25
C SER A 134 -22.97 -17.58 -1.23
N GLU A 135 -21.66 -17.56 -1.44
CA GLU A 135 -20.74 -16.91 -0.53
C GLU A 135 -20.59 -15.44 -0.93
N PHE A 136 -20.33 -14.57 0.04
CA PHE A 136 -20.18 -13.14 -0.24
C PHE A 136 -19.08 -12.86 -1.27
N GLU A 137 -18.02 -13.67 -1.27
CA GLU A 137 -16.93 -13.46 -2.21
C GLU A 137 -17.45 -13.56 -3.65
N GLU A 138 -18.49 -14.39 -3.85
CA GLU A 138 -19.13 -14.52 -5.16
C GLU A 138 -19.86 -13.24 -5.58
N LEU A 139 -20.65 -12.66 -4.67
CA LEU A 139 -21.35 -11.42 -5.00
C LEU A 139 -20.35 -10.28 -5.27
N GLU A 140 -19.29 -10.23 -4.46
CA GLU A 140 -18.23 -9.24 -4.62
C GLU A 140 -17.55 -9.33 -6.00
N ARG A 141 -17.23 -10.55 -6.45
CA ARG A 141 -16.69 -10.75 -7.82
C ARG A 141 -17.69 -10.31 -8.91
N LYS A 142 -18.98 -10.65 -8.74
CA LYS A 142 -20.01 -10.19 -9.67
C LYS A 142 -20.10 -8.66 -9.71
N TYR A 143 -20.01 -7.99 -8.56
CA TYR A 143 -19.97 -6.51 -8.51
C TYR A 143 -18.82 -5.95 -9.37
N TRP A 144 -17.60 -6.44 -9.12
CA TRP A 144 -16.42 -5.91 -9.83
C TRP A 144 -16.36 -6.29 -11.32
N LYS A 145 -17.05 -7.38 -11.70
CA LYS A 145 -17.16 -7.82 -13.07
C LYS A 145 -18.22 -7.01 -13.85
N ASN A 146 -19.29 -6.65 -13.18
CA ASN A 146 -20.47 -6.13 -13.85
C ASN A 146 -20.78 -4.66 -13.62
N LEU A 147 -19.93 -3.95 -12.87
CA LEU A 147 -20.28 -2.58 -12.46
C LEU A 147 -20.37 -1.57 -13.60
N THR A 148 -19.84 -1.87 -14.79
CA THR A 148 -19.94 -0.93 -15.91
C THR A 148 -21.14 -1.26 -16.80
N PHE A 149 -21.86 -2.35 -16.51
CA PHE A 149 -23.08 -2.76 -17.25
C PHE A 149 -24.36 -2.45 -16.50
N ASN A 150 -25.41 -2.23 -17.29
CA ASN A 150 -26.75 -2.03 -16.79
C ASN A 150 -26.81 -1.02 -15.65
N PRO A 151 -26.46 0.24 -15.95
CA PRO A 151 -26.32 1.27 -14.91
C PRO A 151 -27.54 1.38 -13.99
N PRO A 152 -27.31 1.23 -12.68
CA PRO A 152 -28.41 1.31 -11.74
C PRO A 152 -28.79 2.74 -11.37
N ILE A 153 -29.87 2.85 -10.61
CA ILE A 153 -30.30 4.11 -10.04
C ILE A 153 -30.14 4.07 -8.52
N TYR A 154 -29.52 5.12 -7.97
CA TYR A 154 -29.30 5.26 -6.53
C TYR A 154 -30.15 6.40 -6.06
N GLY A 155 -31.08 6.13 -5.13
CA GLY A 155 -31.88 7.19 -4.47
C GLY A 155 -31.11 7.87 -3.34
N ALA A 156 -30.08 8.61 -3.72
CA ALA A 156 -29.10 9.14 -2.80
C ALA A 156 -29.42 10.58 -2.35
N ASP A 157 -28.88 10.97 -1.19
CA ASP A 157 -28.87 12.37 -0.71
C ASP A 157 -30.22 12.98 -0.51
N VAL A 158 -31.16 12.18 0.00
CA VAL A 158 -32.51 12.65 0.25
C VAL A 158 -32.57 13.28 1.64
N ASN A 159 -33.04 14.53 1.72
CA ASN A 159 -33.12 15.22 3.00
C ASN A 159 -34.21 14.57 3.81
N GLY A 160 -33.86 14.06 4.98
CA GLY A 160 -34.85 13.49 5.88
C GLY A 160 -34.30 12.49 6.86
N THR A 161 -35.20 12.03 7.71
CA THR A 161 -34.93 11.06 8.77
C THR A 161 -36.13 10.14 8.90
N LEU A 162 -35.86 8.86 9.11
CA LEU A 162 -36.89 7.86 9.41
C LEU A 162 -36.92 7.53 10.91
N TYR A 163 -36.17 8.27 11.72
CA TYR A 163 -36.29 8.15 13.18
C TYR A 163 -37.57 8.78 13.72
N GLU A 164 -38.19 8.10 14.68
CA GLU A 164 -39.27 8.68 15.45
C GLU A 164 -38.73 9.78 16.38
N LYS A 165 -39.53 10.83 16.57
CA LYS A 165 -39.15 12.03 17.33
C LYS A 165 -38.66 11.77 18.78
N HIS A 166 -39.17 10.72 19.41
CA HIS A 166 -38.89 10.42 20.84
C HIS A 166 -37.61 9.59 21.09
N VAL A 167 -37.03 9.07 20.01
CA VAL A 167 -35.82 8.24 20.11
C VAL A 167 -34.61 9.11 20.45
N ASP A 168 -34.10 8.93 21.66
CA ASP A 168 -33.04 9.78 22.16
C ASP A 168 -31.65 9.16 21.98
N GLU A 169 -31.58 7.88 21.65
CA GLU A 169 -30.29 7.18 21.52
C GLU A 169 -29.83 7.13 20.06
N TRP A 170 -28.65 7.65 19.79
CA TRP A 170 -28.04 7.57 18.47
C TRP A 170 -29.00 8.07 17.36
N ASN A 171 -29.66 9.18 17.64
CA ASN A 171 -30.58 9.81 16.70
C ASN A 171 -29.80 10.67 15.74
N ILE A 172 -29.70 10.23 14.49
CA ILE A 172 -28.90 10.89 13.45
C ILE A 172 -29.33 12.34 13.20
N GLY A 173 -30.59 12.66 13.51
CA GLY A 173 -31.04 14.05 13.57
C GLY A 173 -30.47 14.93 14.68
N ARG A 174 -29.99 14.35 15.78
CA ARG A 174 -29.51 15.11 16.94
C ARG A 174 -28.57 14.32 17.85
N LEU A 175 -27.37 14.08 17.35
CA LEU A 175 -26.35 13.29 18.05
C LEU A 175 -25.67 14.06 19.20
N ARG A 176 -25.76 15.39 19.16
CA ARG A 176 -25.23 16.28 20.21
C ARG A 176 -23.70 16.20 20.34
N THR A 177 -23.00 16.27 19.20
CA THR A 177 -21.55 16.37 19.19
C THR A 177 -21.12 17.84 19.05
N ILE A 178 -19.81 18.09 19.14
CA ILE A 178 -19.30 19.46 18.99
C ILE A 178 -19.51 20.06 17.57
N LEU A 179 -19.84 19.23 16.60
CA LEU A 179 -20.23 19.72 15.25
C LEU A 179 -21.44 20.69 15.31
N ASP A 180 -22.25 20.59 16.36
CA ASP A 180 -23.34 21.53 16.62
C ASP A 180 -22.91 22.98 16.80
N LEU A 181 -21.64 23.21 17.13
CA LEU A 181 -21.09 24.56 17.23
C LEU A 181 -21.22 25.35 15.94
N VAL A 182 -21.23 24.68 14.78
CA VAL A 182 -21.37 25.36 13.47
C VAL A 182 -22.72 26.07 13.38
N GLU A 183 -23.82 25.32 13.50
CA GLU A 183 -25.15 25.94 13.49
C GLU A 183 -25.36 26.83 14.70
N LYS A 184 -24.93 26.40 15.89
CA LYS A 184 -25.21 27.16 17.11
C LYS A 184 -24.59 28.56 17.00
N GLU A 185 -23.38 28.63 16.50
CA GLU A 185 -22.60 29.86 16.54
C GLU A 185 -22.83 30.74 15.32
N SER A 186 -23.10 30.12 14.18
CA SER A 186 -23.12 30.82 12.89
C SER A 186 -24.49 30.81 12.19
N GLY A 187 -25.35 29.86 12.57
CA GLY A 187 -26.65 29.63 11.94
C GLY A 187 -26.59 28.78 10.67
N ILE A 188 -25.39 28.35 10.28
CA ILE A 188 -25.19 27.62 9.05
C ILE A 188 -25.63 26.15 9.15
N THR A 189 -26.55 25.78 8.27
CA THR A 189 -26.90 24.39 8.04
C THR A 189 -26.28 23.98 6.72
N ILE A 190 -25.67 22.80 6.72
CA ILE A 190 -25.07 22.17 5.55
C ILE A 190 -25.72 20.80 5.42
N GLU A 191 -26.63 20.66 4.46
CA GLU A 191 -27.42 19.46 4.28
C GLU A 191 -26.55 18.20 4.10
N GLY A 192 -26.89 17.16 4.86
CA GLY A 192 -26.12 15.92 4.94
C GLY A 192 -24.95 15.90 5.90
N VAL A 193 -24.48 17.09 6.28
CA VAL A 193 -23.29 17.26 7.09
C VAL A 193 -23.74 17.46 8.55
N ASN A 194 -24.55 18.51 8.80
CA ASN A 194 -25.18 18.73 10.12
C ASN A 194 -26.70 18.53 10.06
N THR A 195 -27.16 17.90 8.98
CA THR A 195 -28.52 17.38 8.88
C THR A 195 -28.49 15.98 8.24
N PRO A 196 -29.58 15.19 8.44
CA PRO A 196 -29.62 13.81 7.95
C PRO A 196 -29.99 13.63 6.47
N TYR A 197 -29.33 12.63 5.88
CA TYR A 197 -29.62 12.17 4.53
C TYR A 197 -30.13 10.74 4.52
N LEU A 198 -31.09 10.48 3.64
CA LEU A 198 -31.50 9.12 3.33
C LEU A 198 -30.93 8.64 2.01
N TYR A 199 -30.66 7.34 1.95
CA TYR A 199 -30.07 6.67 0.80
C TYR A 199 -30.90 5.43 0.48
N PHE A 200 -31.58 5.44 -0.67
CA PHE A 200 -32.29 4.24 -1.14
C PHE A 200 -31.48 3.58 -2.20
N GLY A 201 -31.05 2.36 -1.86
CA GLY A 201 -30.12 1.62 -2.69
C GLY A 201 -30.79 0.53 -3.51
N MET A 202 -30.14 0.14 -4.60
CA MET A 202 -30.44 -1.12 -5.30
C MET A 202 -29.14 -1.87 -5.55
N TRP A 203 -29.24 -3.10 -6.05
CA TRP A 203 -28.06 -3.90 -6.44
C TRP A 203 -27.04 -3.07 -7.27
N LYS A 204 -25.78 -3.11 -6.85
CA LYS A 204 -24.67 -2.55 -7.63
C LYS A 204 -24.63 -1.01 -7.63
N THR A 205 -25.48 -0.34 -6.84
CA THR A 205 -25.27 1.08 -6.56
C THR A 205 -24.04 1.21 -5.64
N SER A 206 -23.26 2.27 -5.88
CA SER A 206 -21.90 2.38 -5.37
C SER A 206 -21.64 3.74 -4.73
N PHE A 207 -20.71 3.76 -3.78
CA PHE A 207 -20.09 5.00 -3.30
C PHE A 207 -18.57 4.88 -3.50
N ALA A 208 -18.04 5.89 -4.19
CA ALA A 208 -16.65 5.99 -4.57
C ALA A 208 -15.75 6.25 -3.36
N TRP A 209 -14.45 6.00 -3.54
CA TRP A 209 -13.44 6.25 -2.51
C TRP A 209 -13.47 7.72 -2.09
N HIS A 210 -13.62 7.94 -0.80
CA HIS A 210 -13.61 9.26 -0.28
C HIS A 210 -13.37 9.27 1.22
N THR A 211 -13.01 10.45 1.71
CA THR A 211 -13.13 10.79 3.13
C THR A 211 -14.30 11.78 3.21
N GLU A 212 -14.78 12.04 4.43
CA GLU A 212 -15.90 12.98 4.57
C GLU A 212 -15.48 14.41 4.31
N ASP A 213 -16.48 15.24 4.01
CA ASP A 213 -16.27 16.68 3.96
C ASP A 213 -15.55 17.14 5.24
N MET A 214 -14.54 17.99 5.06
CA MET A 214 -13.68 18.48 6.16
C MET A 214 -13.02 17.39 7.00
N ASP A 215 -12.91 16.17 6.46
CA ASP A 215 -12.40 14.99 7.13
C ASP A 215 -13.10 14.70 8.49
N LEU A 216 -14.39 14.98 8.52
CA LEU A 216 -15.27 14.67 9.61
C LEU A 216 -15.48 13.14 9.76
N TYR A 217 -16.06 12.75 10.89
CA TYR A 217 -16.57 11.41 11.12
C TYR A 217 -17.91 11.32 10.40
N SER A 218 -18.34 10.11 10.11
CA SER A 218 -19.69 9.87 9.69
C SER A 218 -20.29 8.71 10.42
N ILE A 219 -21.63 8.72 10.45
CA ILE A 219 -22.44 7.67 11.03
C ILE A 219 -23.44 7.21 9.96
N ASN A 220 -23.63 5.91 9.84
CA ASN A 220 -24.53 5.36 8.83
C ASN A 220 -25.33 4.22 9.47
N TYR A 221 -26.66 4.37 9.49
CA TYR A 221 -27.57 3.36 9.98
C TYR A 221 -28.34 2.73 8.82
N LEU A 222 -28.29 1.40 8.71
CA LEU A 222 -29.06 0.68 7.68
C LEU A 222 -30.42 0.33 8.29
N HIS A 223 -31.42 1.10 7.89
CA HIS A 223 -32.79 0.99 8.40
C HIS A 223 -33.46 -0.32 8.03
N PHE A 224 -33.31 -0.75 6.79
CA PHE A 224 -33.91 -2.02 6.32
C PHE A 224 -33.34 -2.41 4.97
N GLY A 225 -33.63 -3.65 4.57
CA GLY A 225 -33.29 -4.13 3.24
C GLY A 225 -32.02 -4.96 3.24
N GLU A 226 -31.43 -5.06 2.06
CA GLU A 226 -30.23 -5.88 1.84
C GLU A 226 -28.97 -5.16 2.34
N PRO A 227 -27.88 -5.91 2.53
CA PRO A 227 -26.68 -5.33 3.07
C PRO A 227 -25.98 -4.25 2.24
N LYS A 228 -25.14 -3.51 2.94
CA LYS A 228 -24.21 -2.59 2.32
C LYS A 228 -22.81 -3.05 2.67
N SER A 229 -21.95 -3.20 1.67
CA SER A 229 -20.58 -3.66 1.88
C SER A 229 -19.60 -2.48 1.76
N TRP A 230 -18.60 -2.47 2.63
CA TRP A 230 -17.68 -1.36 2.75
C TRP A 230 -16.27 -1.86 2.57
N TYR A 231 -15.43 -0.99 2.06
CA TYR A 231 -13.98 -1.11 2.11
C TYR A 231 -13.46 0.14 2.79
N SER A 232 -12.35 -0.02 3.50
CA SER A 232 -11.72 1.09 4.22
CA SER A 232 -11.73 1.06 4.26
C SER A 232 -10.21 0.96 4.21
N VAL A 233 -9.55 2.11 4.19
CA VAL A 233 -8.12 2.21 4.29
C VAL A 233 -7.87 2.93 5.63
N PRO A 234 -6.97 2.39 6.46
CA PRO A 234 -6.61 3.09 7.69
C PRO A 234 -6.11 4.52 7.45
N PRO A 235 -6.58 5.49 8.26
CA PRO A 235 -6.10 6.89 8.13
C PRO A 235 -4.60 7.03 8.05
N GLU A 236 -3.87 6.19 8.79
CA GLU A 236 -2.41 6.17 8.73
C GLU A 236 -1.85 5.74 7.34
N HIS A 237 -2.69 5.19 6.46
CA HIS A 237 -2.27 4.88 5.08
C HIS A 237 -3.01 5.68 4.02
N GLY A 238 -3.77 6.69 4.43
CA GLY A 238 -4.59 7.45 3.48
C GLY A 238 -3.75 8.11 2.42
N LYS A 239 -2.60 8.61 2.84
CA LYS A 239 -1.73 9.35 1.92
C LYS A 239 -1.21 8.44 0.86
N ARG A 240 -0.99 7.18 1.22
CA ARG A 240 -0.54 6.19 0.29
C ARG A 240 -1.58 5.88 -0.79
N LEU A 241 -2.85 5.76 -0.38
CA LEU A 241 -3.95 5.66 -1.32
C LEU A 241 -4.03 6.87 -2.26
N GLU A 242 -3.95 8.09 -1.72
CA GLU A 242 -3.95 9.28 -2.59
C GLU A 242 -2.80 9.27 -3.62
N ARG A 243 -1.58 8.95 -3.19
CA ARG A 243 -0.46 8.84 -4.11
C ARG A 243 -0.73 7.86 -5.24
N LEU A 244 -1.29 6.70 -4.89
CA LEU A 244 -1.63 5.68 -5.86
C LEU A 244 -2.69 6.16 -6.84
N ALA A 245 -3.75 6.76 -6.30
CA ALA A 245 -4.84 7.28 -7.11
C ALA A 245 -4.34 8.33 -8.11
N LYS A 246 -3.47 9.23 -7.64
CA LYS A 246 -2.92 10.28 -8.48
C LYS A 246 -2.14 9.69 -9.67
N GLY A 247 -1.41 8.61 -9.44
CA GLY A 247 -0.70 7.92 -10.52
C GLY A 247 -1.65 7.27 -11.49
N PHE A 248 -2.76 6.70 -10.98
CA PHE A 248 -3.72 5.98 -11.82
C PHE A 248 -4.57 6.93 -12.65
N PHE A 249 -4.81 8.14 -12.12
CA PHE A 249 -5.65 9.17 -12.78
C PHE A 249 -4.89 10.51 -12.78
N PRO A 250 -3.78 10.58 -13.54
CA PRO A 250 -2.91 11.77 -13.48
C PRO A 250 -3.56 13.07 -14.01
N GLY A 251 -4.45 12.91 -14.99
CA GLY A 251 -5.19 14.06 -15.51
C GLY A 251 -6.04 14.72 -14.44
N SER A 252 -6.84 13.92 -13.73
CA SER A 252 -7.72 14.40 -12.65
C SER A 252 -6.94 15.09 -11.54
N ALA A 253 -5.83 14.48 -11.12
CA ALA A 253 -4.98 15.07 -10.10
C ALA A 253 -4.38 16.43 -10.48
N GLN A 254 -4.00 16.64 -11.73
CA GLN A 254 -3.44 17.93 -12.11
C GLN A 254 -4.49 19.06 -12.08
N SER A 255 -5.77 18.74 -12.25
CA SER A 255 -6.83 19.77 -12.27
CA SER A 255 -6.85 19.75 -12.27
C SER A 255 -7.44 20.01 -10.88
N CYS A 256 -7.15 19.12 -9.95
CA CYS A 256 -7.62 19.25 -8.58
C CYS A 256 -6.81 18.32 -7.66
N GLU A 257 -6.05 18.94 -6.75
CA GLU A 257 -5.36 18.24 -5.67
C GLU A 257 -6.29 17.18 -5.05
N ALA A 258 -7.43 17.65 -4.56
CA ALA A 258 -8.32 16.81 -3.81
C ALA A 258 -9.37 16.14 -4.69
N PHE A 259 -8.98 15.59 -5.86
CA PHE A 259 -9.97 15.08 -6.83
C PHE A 259 -10.74 13.87 -6.33
N LEU A 260 -10.20 13.11 -5.37
CA LEU A 260 -11.02 12.06 -4.74
C LEU A 260 -12.27 12.62 -4.08
N ARG A 261 -12.24 13.88 -3.66
CA ARG A 261 -13.47 14.50 -3.15
C ARG A 261 -14.60 14.65 -4.17
N HIS A 262 -14.31 14.57 -5.46
CA HIS A 262 -15.40 14.49 -6.45
C HIS A 262 -16.25 13.25 -6.32
N LYS A 263 -15.76 12.28 -5.55
CA LYS A 263 -16.49 11.02 -5.31
C LYS A 263 -16.93 10.28 -6.61
N MET A 264 -15.98 10.21 -7.54
CA MET A 264 -16.16 9.55 -8.83
C MET A 264 -15.18 8.39 -9.07
N THR A 265 -14.28 8.12 -8.13
CA THR A 265 -13.17 7.19 -8.36
C THR A 265 -13.39 5.86 -7.66
N LEU A 266 -13.51 4.81 -8.45
CA LEU A 266 -13.67 3.47 -7.91
C LEU A 266 -12.39 2.65 -8.21
N ILE A 267 -11.91 1.95 -7.19
CA ILE A 267 -10.69 1.19 -7.25
C ILE A 267 -10.97 -0.13 -6.55
N SER A 268 -10.78 -1.25 -7.25
CA SER A 268 -11.06 -2.57 -6.70
C SER A 268 -10.06 -2.97 -5.60
N PRO A 269 -10.48 -3.86 -4.69
CA PRO A 269 -9.58 -4.41 -3.67
C PRO A 269 -8.38 -5.19 -4.29
N LEU A 270 -8.56 -5.78 -5.46
CA LEU A 270 -7.44 -6.46 -6.11
C LEU A 270 -6.37 -5.46 -6.52
N MET A 271 -6.78 -4.27 -6.99
CA MET A 271 -5.81 -3.20 -7.29
C MET A 271 -5.12 -2.68 -6.06
N LEU A 272 -5.87 -2.47 -4.98
CA LEU A 272 -5.24 -2.09 -3.71
C LEU A 272 -4.20 -3.10 -3.22
N LYS A 273 -4.56 -4.37 -3.28
CA LYS A 273 -3.70 -5.49 -2.89
C LYS A 273 -2.42 -5.48 -3.77
N LYS A 274 -2.60 -5.27 -5.06
CA LYS A 274 -1.52 -5.33 -6.05
C LYS A 274 -0.47 -4.23 -5.80
N TYR A 275 -0.88 -3.10 -5.23
CA TYR A 275 0.00 -1.98 -4.97
C TYR A 275 0.25 -1.73 -3.47
N GLY A 276 -0.06 -2.72 -2.66
CA GLY A 276 0.35 -2.75 -1.29
C GLY A 276 -0.34 -1.76 -0.40
N ILE A 277 -1.57 -1.39 -0.73
CA ILE A 277 -2.35 -0.50 0.10
C ILE A 277 -3.10 -1.33 1.13
N PRO A 278 -2.83 -1.10 2.44
CA PRO A 278 -3.60 -1.85 3.45
C PRO A 278 -5.06 -1.45 3.44
N PHE A 279 -5.94 -2.43 3.54
CA PHE A 279 -7.37 -2.15 3.61
C PHE A 279 -8.09 -3.33 4.30
N ASP A 280 -9.32 -3.09 4.70
CA ASP A 280 -10.20 -4.09 5.29
C ASP A 280 -11.57 -3.95 4.63
N LYS A 281 -12.40 -4.97 4.81
CA LYS A 281 -13.74 -5.04 4.23
C LYS A 281 -14.69 -5.42 5.34
N VAL A 282 -15.94 -4.96 5.24
CA VAL A 282 -16.98 -5.36 6.20
C VAL A 282 -18.34 -5.18 5.54
N THR A 283 -19.29 -6.06 5.89
CA THR A 283 -20.64 -5.97 5.38
C THR A 283 -21.56 -5.54 6.52
N GLN A 284 -22.30 -4.44 6.30
CA GLN A 284 -23.31 -3.93 7.22
C GLN A 284 -24.70 -4.52 6.89
N GLU A 285 -25.36 -5.09 7.88
CA GLU A 285 -26.71 -5.65 7.71
C GLU A 285 -27.78 -4.68 8.21
N ALA A 286 -29.05 -4.92 7.86
CA ALA A 286 -30.15 -4.10 8.36
C ALA A 286 -30.07 -4.08 9.90
N GLY A 287 -30.32 -2.93 10.51
CA GLY A 287 -30.19 -2.78 11.96
C GLY A 287 -28.80 -2.44 12.50
N GLU A 288 -27.79 -2.36 11.65
CA GLU A 288 -26.43 -2.00 12.12
C GLU A 288 -25.94 -0.60 11.75
N PHE A 289 -25.06 -0.06 12.61
CA PHE A 289 -24.42 1.22 12.41
C PHE A 289 -23.01 1.02 11.92
N MET A 290 -22.57 1.88 11.00
CA MET A 290 -21.16 2.03 10.69
C MET A 290 -20.76 3.45 11.07
N ILE A 291 -19.55 3.55 11.62
CA ILE A 291 -18.89 4.81 11.95
C ILE A 291 -17.61 4.88 11.10
N THR A 292 -17.45 6.01 10.42
CA THR A 292 -16.21 6.32 9.72
C THR A 292 -15.49 7.41 10.50
N PHE A 293 -14.16 7.36 10.48
CA PHE A 293 -13.30 8.19 11.31
C PHE A 293 -12.54 9.22 10.46
N PRO A 294 -12.13 10.37 11.06
CA PRO A 294 -11.44 11.39 10.29
C PRO A 294 -10.31 10.84 9.37
N TYR A 295 -10.37 11.25 8.11
CA TYR A 295 -9.38 10.84 7.11
C TYR A 295 -9.35 9.31 6.83
N GLY A 296 -10.44 8.62 7.13
CA GLY A 296 -10.59 7.22 6.78
C GLY A 296 -11.28 7.09 5.44
N TYR A 297 -10.48 6.75 4.41
CA TYR A 297 -10.99 6.51 3.08
C TYR A 297 -11.89 5.26 3.07
N HIS A 298 -13.08 5.40 2.51
CA HIS A 298 -13.97 4.30 2.34
C HIS A 298 -14.71 4.35 0.98
N ALA A 299 -15.21 3.19 0.58
CA ALA A 299 -15.95 2.97 -0.65
C ALA A 299 -16.80 1.72 -0.42
N GLY A 300 -17.80 1.50 -1.27
CA GLY A 300 -18.66 0.34 -1.15
C GLY A 300 -19.78 0.26 -2.14
N PHE A 301 -20.67 -0.68 -1.89
CA PHE A 301 -21.79 -0.92 -2.78
C PHE A 301 -22.95 -1.54 -2.02
N ASN A 302 -24.15 -1.28 -2.51
CA ASN A 302 -25.34 -1.93 -1.98
C ASN A 302 -25.63 -3.29 -2.66
N HIS A 303 -26.11 -4.24 -1.88
CA HIS A 303 -26.42 -5.60 -2.32
C HIS A 303 -27.75 -5.69 -3.05
N GLY A 304 -28.69 -4.84 -2.64
CA GLY A 304 -30.04 -4.88 -3.16
C GLY A 304 -30.82 -3.69 -2.65
N PHE A 305 -32.14 -3.78 -2.76
CA PHE A 305 -33.00 -2.74 -2.28
C PHE A 305 -32.79 -2.53 -0.78
N ASN A 306 -32.42 -1.32 -0.38
CA ASN A 306 -32.25 -1.03 1.02
C ASN A 306 -32.42 0.47 1.29
N CYS A 307 -32.40 0.82 2.58
CA CYS A 307 -32.50 2.22 3.01
C CYS A 307 -31.54 2.50 4.16
N ALA A 308 -30.65 3.49 3.95
CA ALA A 308 -29.70 3.92 4.98
C ALA A 308 -29.95 5.39 5.36
N GLU A 309 -29.60 5.74 6.59
CA GLU A 309 -29.65 7.12 7.09
C GLU A 309 -28.25 7.50 7.56
N SER A 310 -27.84 8.73 7.26
CA SER A 310 -26.44 9.13 7.50
C SER A 310 -26.30 10.63 7.71
N THR A 311 -25.28 10.97 8.49
CA THR A 311 -24.85 12.36 8.72
C THR A 311 -23.39 12.39 9.13
N ASN A 312 -22.82 13.60 9.23
CA ASN A 312 -21.50 13.77 9.81
C ASN A 312 -21.58 14.16 11.31
N PHE A 313 -20.46 13.98 11.98
CA PHE A 313 -20.29 14.42 13.35
C PHE A 313 -18.81 14.66 13.68
N ALA A 314 -18.56 15.18 14.88
CA ALA A 314 -17.20 15.54 15.31
C ALA A 314 -16.93 15.13 16.75
N THR A 315 -15.65 15.03 17.07
CA THR A 315 -15.16 14.94 18.42
C THR A 315 -14.03 15.97 18.52
N ARG A 316 -13.46 16.15 19.70
CA ARG A 316 -12.33 17.09 19.82
C ARG A 316 -11.14 16.71 18.97
N ARG A 317 -10.90 15.43 18.77
CA ARG A 317 -9.82 14.96 17.92
C ARG A 317 -9.96 15.45 16.45
N TRP A 318 -11.20 15.58 15.96
CA TRP A 318 -11.45 16.06 14.60
C TRP A 318 -10.87 17.46 14.30
N ILE A 319 -10.82 18.33 15.29
CA ILE A 319 -10.45 19.75 15.03
C ILE A 319 -9.16 19.89 14.27
N GLU A 320 -8.14 19.13 14.66
CA GLU A 320 -6.86 19.20 13.94
C GLU A 320 -7.00 18.73 12.48
N TYR A 321 -7.82 17.70 12.28
CA TYR A 321 -8.15 17.19 10.96
C TYR A 321 -8.86 18.24 10.10
N GLY A 322 -9.83 18.93 10.70
CA GLY A 322 -10.52 20.04 10.08
C GLY A 322 -9.59 21.15 9.66
N LYS A 323 -8.61 21.47 10.50
CA LYS A 323 -7.63 22.51 10.25
C LYS A 323 -6.75 22.22 9.06
N GLN A 324 -6.44 20.94 8.84
CA GLN A 324 -5.51 20.49 7.82
C GLN A 324 -6.18 19.81 6.62
N ALA A 325 -7.51 19.73 6.55
CA ALA A 325 -8.20 19.05 5.45
C ALA A 325 -7.83 19.69 4.13
N VAL A 326 -7.47 18.88 3.15
CA VAL A 326 -7.18 19.39 1.79
C VAL A 326 -8.51 19.34 1.02
N LEU A 327 -9.00 20.50 0.62
CA LEU A 327 -10.34 20.64 0.07
C LEU A 327 -10.31 20.76 -1.46
N CYS A 328 -11.40 20.36 -2.10
CA CYS A 328 -11.58 20.61 -3.54
C CYS A 328 -11.80 22.10 -3.77
N SER A 329 -10.97 22.65 -4.66
CA SER A 329 -10.99 24.03 -5.13
C SER A 329 -11.81 24.25 -6.41
N CYS A 330 -11.89 23.20 -7.24
CA CYS A 330 -12.28 23.34 -8.65
C CYS A 330 -13.78 23.29 -8.88
N ARG A 331 -14.55 23.04 -7.83
CA ARG A 331 -16.00 23.05 -7.95
C ARG A 331 -16.56 24.15 -7.07
N LYS A 332 -17.73 24.63 -7.45
CA LYS A 332 -18.39 25.73 -6.74
C LYS A 332 -19.15 25.28 -5.49
N ASP A 333 -19.02 26.07 -4.43
CA ASP A 333 -19.82 25.85 -3.22
C ASP A 333 -19.64 24.42 -2.68
N MET A 334 -18.38 23.98 -2.61
CA MET A 334 -18.04 22.73 -1.93
C MET A 334 -18.08 23.01 -0.45
N VAL A 335 -18.12 21.96 0.38
CA VAL A 335 -18.27 22.15 1.81
C VAL A 335 -16.98 22.62 2.47
N LYS A 336 -17.04 23.81 3.03
CA LYS A 336 -15.94 24.37 3.77
C LYS A 336 -16.53 24.90 5.09
N ILE A 337 -16.02 24.39 6.21
CA ILE A 337 -16.42 24.82 7.53
C ILE A 337 -15.32 25.70 8.12
N SER A 338 -15.70 26.91 8.55
CA SER A 338 -14.81 27.78 9.33
C SER A 338 -14.37 27.11 10.65
N MET A 339 -13.06 26.95 10.77
CA MET A 339 -12.47 26.27 11.93
C MET A 339 -12.28 27.22 13.12
N ASP A 340 -12.43 28.53 12.88
CA ASP A 340 -12.13 29.55 13.89
C ASP A 340 -12.76 29.32 15.26
N VAL A 341 -14.05 29.03 15.27
CA VAL A 341 -14.76 28.82 16.53
C VAL A 341 -14.21 27.62 17.29
N PHE A 342 -13.81 26.57 16.57
CA PHE A 342 -13.27 25.37 17.22
C PHE A 342 -11.88 25.58 17.82
N VAL A 343 -11.01 26.28 17.10
CA VAL A 343 -9.66 26.54 17.59
C VAL A 343 -9.75 27.45 18.82
N ARG A 344 -10.54 28.52 18.74
CA ARG A 344 -10.73 29.44 19.87
C ARG A 344 -11.21 28.73 21.13
N LYS A 345 -12.26 27.92 20.99
CA LYS A 345 -12.85 27.21 22.14
C LYS A 345 -12.00 26.07 22.70
N PHE A 346 -11.44 25.26 21.81
CA PHE A 346 -10.79 24.04 22.22
C PHE A 346 -9.27 24.04 22.13
N GLN A 347 -8.69 25.05 21.47
CA GLN A 347 -7.24 25.17 21.33
C GLN A 347 -6.82 26.63 21.50
N PRO A 348 -7.24 27.27 22.61
CA PRO A 348 -6.97 28.70 22.80
C PRO A 348 -5.49 29.04 22.84
N GLU A 349 -4.68 28.11 23.34
CA GLU A 349 -3.23 28.32 23.35
C GLU A 349 -2.62 28.49 21.94
N ARG A 350 -3.23 27.83 20.94
CA ARG A 350 -2.69 27.80 19.58
CA ARG A 350 -2.66 27.85 19.60
C ARG A 350 -3.35 28.78 18.62
N TYR A 351 -4.40 29.47 19.07
CA TYR A 351 -5.19 30.32 18.21
C TYR A 351 -4.39 31.40 17.44
N LYS A 352 -3.58 32.18 18.16
CA LYS A 352 -2.76 33.22 17.53
C LYS A 352 -1.78 32.60 16.53
N LEU A 353 -1.07 31.55 16.95
CA LEU A 353 -0.15 30.81 16.07
C LEU A 353 -0.84 30.30 14.79
N TRP A 354 -2.03 29.74 14.96
CA TRP A 354 -2.76 29.17 13.84
C TRP A 354 -3.20 30.26 12.86
N LYS A 355 -3.69 31.36 13.43
CA LYS A 355 -4.17 32.50 12.65
C LYS A 355 -2.97 33.17 11.92
N ALA A 356 -1.79 33.13 12.52
CA ALA A 356 -0.57 33.61 11.85
C ALA A 356 0.01 32.59 10.84
N GLY A 357 -0.67 31.47 10.62
CA GLY A 357 -0.21 30.45 9.68
C GLY A 357 1.06 29.69 10.13
N LYS A 358 1.30 29.66 11.44
CA LYS A 358 2.51 29.05 11.99
C LYS A 358 2.23 27.77 12.80
N ASP A 359 1.00 27.26 12.76
CA ASP A 359 0.65 26.07 13.54
C ASP A 359 1.02 24.82 12.73
N ASN A 360 2.18 24.26 13.07
CA ASN A 360 2.76 23.09 12.41
C ASN A 360 2.47 21.77 13.15
N THR A 361 1.34 21.68 13.85
CA THR A 361 0.93 20.42 14.49
C THR A 361 0.90 19.28 13.47
N VAL A 362 1.51 18.15 13.84
CA VAL A 362 1.48 16.94 13.02
C VAL A 362 0.47 15.99 13.64
N ILE A 363 -0.43 15.47 12.83
CA ILE A 363 -1.45 14.56 13.32
C ILE A 363 -0.85 13.16 13.52
N ASP A 364 -1.03 12.61 14.71
CA ASP A 364 -0.80 11.20 15.01
C ASP A 364 -2.16 10.46 14.91
N HIS A 365 -2.34 9.73 13.83
CA HIS A 365 -3.60 9.03 13.54
C HIS A 365 -3.90 7.87 14.54
N THR A 366 -2.95 7.49 15.39
CA THR A 366 -3.19 6.38 16.29
C THR A 366 -3.87 6.88 17.58
N LEU A 367 -3.73 8.16 17.89
CA LEU A 367 -4.21 8.63 19.19
C LEU A 367 -5.74 8.75 19.23
N PRO A 368 -6.35 8.26 20.32
CA PRO A 368 -7.77 8.42 20.49
C PRO A 368 -8.12 9.83 20.89
N THR A 369 -9.39 10.17 20.76
CA THR A 369 -9.85 11.51 21.13
C THR A 369 -9.59 11.76 22.63
N PRO A 370 -9.33 13.03 23.01
CA PRO A 370 -9.14 13.40 24.42
C PRO A 370 -10.19 12.85 25.40
N GLU A 371 -11.46 12.81 24.97
CA GLU A 371 -12.60 12.36 25.79
C GLU A 371 -12.53 10.88 26.18
N ALA A 372 -11.62 10.14 25.53
CA ALA A 372 -11.35 8.73 25.89
C ALA A 372 -10.48 8.55 27.15
N ALA A 373 -9.95 9.64 27.69
CA ALA A 373 -9.13 9.61 28.92
C ALA A 373 -9.84 8.83 30.03
N GLU A 374 -11.10 9.18 30.26
CA GLU A 374 -12.04 8.44 31.12
C GLU A 374 -11.92 6.89 31.09
N PHE A 375 -11.79 6.34 29.89
CA PHE A 375 -11.72 4.89 29.69
C PHE A 375 -10.30 4.32 29.70
N LEU A 376 -9.31 5.19 29.60
CA LEU A 376 -7.91 4.78 29.62
C LEU A 376 -7.28 4.97 31.02
N LYS A 377 -7.98 5.68 31.91
CA LYS A 377 -7.56 5.80 33.32
C LYS A 377 -7.99 4.56 34.11
N THR B 29 1.84 -0.08 -21.38
CA THR B 29 0.43 -0.10 -20.92
C THR B 29 0.25 -0.89 -19.61
N LEU B 30 1.11 -1.87 -19.37
CA LEU B 30 1.09 -2.63 -18.11
C LEU B 30 1.92 -1.88 -17.04
N ASN B 31 1.35 -1.68 -15.84
CA ASN B 31 1.97 -0.90 -14.74
C ASN B 31 2.62 0.44 -15.17
N PRO B 32 1.84 1.32 -15.84
CA PRO B 32 2.50 2.50 -16.43
C PRO B 32 3.06 3.47 -15.38
N SER B 33 2.69 3.23 -14.13
CA SER B 33 3.16 4.01 -13.00
C SER B 33 4.55 3.52 -12.57
N ALA B 34 4.96 2.32 -13.03
CA ALA B 34 6.24 1.72 -12.68
C ALA B 34 6.38 1.61 -11.15
N ARG B 35 5.26 1.37 -10.48
CA ARG B 35 5.24 1.25 -9.04
C ARG B 35 5.46 -0.20 -8.68
N ILE B 36 6.08 -0.41 -7.53
CA ILE B 36 6.35 -1.74 -7.01
C ILE B 36 5.02 -2.48 -6.79
N MET B 37 4.91 -3.66 -7.41
CA MET B 37 3.73 -4.50 -7.26
C MET B 37 3.96 -5.64 -6.27
N THR B 38 2.87 -6.08 -5.66
CA THR B 38 2.84 -7.20 -4.72
C THR B 38 1.85 -8.24 -5.24
N PHE B 39 2.27 -9.49 -5.18
CA PHE B 39 1.51 -10.63 -5.69
C PHE B 39 1.28 -11.65 -4.60
N TYR B 40 0.15 -12.34 -4.69
CA TYR B 40 -0.27 -13.36 -3.73
C TYR B 40 -0.62 -14.69 -4.45
N PRO B 41 0.38 -15.41 -4.95
CA PRO B 41 0.09 -16.66 -5.63
C PRO B 41 -0.66 -17.65 -4.75
N THR B 42 -1.53 -18.44 -5.39
CA THR B 42 -2.07 -19.64 -4.78
C THR B 42 -0.97 -20.70 -4.85
N MET B 43 -1.15 -21.77 -4.09
CA MET B 43 -0.20 -22.89 -4.10
C MET B 43 0.05 -23.45 -5.52
N GLU B 44 -1.01 -23.63 -6.31
CA GLU B 44 -0.89 -24.13 -7.68
C GLU B 44 -0.05 -23.19 -8.56
N GLU B 45 -0.32 -21.89 -8.48
CA GLU B 45 0.49 -20.90 -9.23
C GLU B 45 1.94 -20.87 -8.75
N PHE B 46 2.12 -21.04 -7.44
CA PHE B 46 3.41 -20.93 -6.80
C PHE B 46 4.38 -22.05 -7.16
N ARG B 47 3.87 -23.22 -7.47
CA ARG B 47 4.72 -24.39 -7.69
C ARG B 47 5.75 -24.20 -8.80
N ASN B 48 5.34 -23.63 -9.92
CA ASN B 48 6.26 -23.38 -11.05
C ASN B 48 6.84 -21.94 -10.97
N PHE B 49 8.13 -21.84 -10.60
CA PHE B 49 8.80 -20.58 -10.33
C PHE B 49 8.93 -19.73 -11.61
N SER B 50 9.60 -20.26 -12.64
CA SER B 50 9.87 -19.44 -13.82
C SER B 50 8.55 -19.01 -14.51
N ARG B 51 7.52 -19.85 -14.41
CA ARG B 51 6.20 -19.52 -14.92
C ARG B 51 5.56 -18.36 -14.14
N TYR B 52 5.75 -18.32 -12.82
CA TYR B 52 5.21 -17.21 -12.04
C TYR B 52 5.91 -15.89 -12.37
N ILE B 53 7.21 -15.94 -12.65
CA ILE B 53 7.97 -14.74 -13.01
C ILE B 53 7.48 -14.22 -14.35
N ALA B 54 7.25 -15.15 -15.29
CA ALA B 54 6.61 -14.84 -16.56
C ALA B 54 5.24 -14.19 -16.32
N TYR B 55 4.44 -14.71 -15.38
CA TYR B 55 3.16 -14.09 -15.00
C TYR B 55 3.26 -12.67 -14.40
N ILE B 56 4.11 -12.46 -13.40
CA ILE B 56 4.25 -11.12 -12.85
C ILE B 56 4.76 -10.11 -13.93
N GLU B 57 5.63 -10.55 -14.84
CA GLU B 57 6.04 -9.68 -15.94
C GLU B 57 4.90 -9.35 -16.91
N SER B 58 4.01 -10.32 -17.17
CA SER B 58 2.79 -10.05 -17.95
C SER B 58 1.89 -8.99 -17.28
N GLN B 59 1.99 -8.86 -15.96
CA GLN B 59 1.29 -7.84 -15.19
C GLN B 59 2.06 -6.49 -15.09
N GLY B 60 3.28 -6.46 -15.64
CA GLY B 60 4.09 -5.23 -15.67
C GLY B 60 5.01 -5.02 -14.47
N ALA B 61 5.16 -6.03 -13.62
CA ALA B 61 5.95 -5.88 -12.35
C ALA B 61 7.40 -5.45 -12.58
N HIS B 62 8.03 -5.99 -13.65
CA HIS B 62 9.40 -5.65 -14.02
C HIS B 62 9.70 -4.18 -14.21
N ARG B 63 8.68 -3.39 -14.55
CA ARG B 63 8.89 -1.97 -14.81
C ARG B 63 9.38 -1.17 -13.61
N ALA B 64 8.98 -1.58 -12.43
CA ALA B 64 9.42 -0.97 -11.19
C ALA B 64 10.87 -1.31 -10.83
N GLY B 65 11.39 -2.42 -11.35
CA GLY B 65 12.71 -2.94 -10.94
C GLY B 65 12.71 -3.92 -9.76
N LEU B 66 11.59 -3.98 -9.03
CA LEU B 66 11.46 -4.70 -7.79
C LEU B 66 9.99 -5.10 -7.64
N ALA B 67 9.75 -6.32 -7.16
CA ALA B 67 8.41 -6.81 -6.89
C ALA B 67 8.44 -7.64 -5.63
N LYS B 68 7.36 -7.58 -4.86
CA LYS B 68 7.16 -8.44 -3.71
C LYS B 68 6.25 -9.61 -4.08
N VAL B 69 6.63 -10.81 -3.65
CA VAL B 69 5.78 -12.00 -3.73
C VAL B 69 5.57 -12.55 -2.32
N VAL B 70 4.30 -12.64 -1.92
CA VAL B 70 3.89 -13.19 -0.63
C VAL B 70 3.45 -14.63 -0.88
N PRO B 71 4.15 -15.61 -0.26
CA PRO B 71 3.79 -16.99 -0.57
C PRO B 71 2.52 -17.42 0.15
N PRO B 72 1.92 -18.52 -0.33
CA PRO B 72 0.71 -19.03 0.32
C PRO B 72 0.95 -19.34 1.81
N LYS B 73 -0.07 -19.11 2.63
CA LYS B 73 0.02 -19.29 4.09
C LYS B 73 0.55 -20.67 4.51
N GLU B 74 0.21 -21.69 3.72
CA GLU B 74 0.56 -23.09 3.99
C GLU B 74 2.00 -23.50 3.63
N TRP B 75 2.71 -22.64 2.90
CA TRP B 75 4.10 -22.94 2.49
C TRP B 75 5.09 -22.47 3.56
N LYS B 76 6.07 -23.32 3.86
CA LYS B 76 7.13 -23.02 4.82
C LYS B 76 8.43 -23.70 4.34
N PRO B 77 9.52 -22.93 4.22
CA PRO B 77 10.79 -23.52 3.75
C PRO B 77 11.52 -24.34 4.81
N ARG B 78 11.17 -24.12 6.08
CA ARG B 78 11.84 -24.73 7.23
C ARG B 78 10.86 -24.82 8.40
N ALA B 79 10.85 -25.95 9.10
CA ALA B 79 9.97 -26.16 10.25
C ALA B 79 10.22 -25.11 11.35
N SER B 80 11.48 -24.93 11.74
CA SER B 80 11.84 -23.90 12.72
C SER B 80 13.28 -23.45 12.58
N TYR B 81 13.56 -22.26 13.10
CA TYR B 81 14.86 -21.60 13.02
C TYR B 81 15.57 -21.59 14.37
N ASP B 82 15.23 -22.51 15.26
CA ASP B 82 15.82 -22.55 16.61
C ASP B 82 17.13 -23.33 16.69
N ASP B 83 17.47 -24.05 15.62
CA ASP B 83 18.61 -24.96 15.63
C ASP B 83 19.79 -24.46 14.78
N ILE B 84 19.89 -23.15 14.60
CA ILE B 84 20.95 -22.58 13.74
C ILE B 84 21.90 -21.67 14.50
N ASP B 85 21.87 -21.70 15.83
CA ASP B 85 22.71 -20.78 16.62
C ASP B 85 24.19 -21.07 16.51
N ASP B 86 24.54 -22.31 16.15
CA ASP B 86 25.93 -22.69 15.99
C ASP B 86 26.45 -22.40 14.57
N LEU B 87 25.59 -21.91 13.69
CA LEU B 87 26.00 -21.50 12.34
C LEU B 87 27.06 -20.39 12.40
N VAL B 88 28.13 -20.59 11.63
CA VAL B 88 29.27 -19.68 11.58
C VAL B 88 29.09 -18.65 10.44
N ILE B 89 29.26 -17.38 10.78
CA ILE B 89 29.35 -16.25 9.85
C ILE B 89 30.84 -15.99 9.70
N PRO B 90 31.47 -16.50 8.63
CA PRO B 90 32.94 -16.49 8.66
C PRO B 90 33.61 -15.12 8.45
N ALA B 91 32.92 -14.19 7.79
CA ALA B 91 33.47 -12.88 7.48
C ALA B 91 32.45 -11.75 7.72
N PRO B 92 32.04 -11.51 8.97
CA PRO B 92 31.08 -10.39 9.11
C PRO B 92 31.76 -9.05 8.77
N ILE B 93 30.99 -8.08 8.35
CA ILE B 93 31.55 -6.78 7.91
C ILE B 93 30.99 -5.62 8.77
N GLN B 94 31.90 -4.81 9.31
CA GLN B 94 31.52 -3.55 9.93
C GLN B 94 31.41 -2.49 8.84
N GLN B 95 30.26 -1.81 8.83
CA GLN B 95 29.90 -0.84 7.79
C GLN B 95 30.17 0.61 8.23
N LEU B 96 31.34 1.11 7.86
CA LEU B 96 31.73 2.50 8.11
C LEU B 96 31.22 3.35 6.96
N VAL B 97 30.51 4.44 7.26
CA VAL B 97 29.91 5.26 6.22
C VAL B 97 30.36 6.71 6.41
N THR B 98 30.85 7.33 5.35
CA THR B 98 31.30 8.71 5.37
C THR B 98 30.51 9.50 4.34
N GLY B 99 30.08 10.70 4.71
CA GLY B 99 29.43 11.58 3.75
C GLY B 99 28.55 12.62 4.41
N GLN B 100 27.80 13.32 3.57
CA GLN B 100 26.90 14.38 3.97
C GLN B 100 25.94 14.74 2.83
N SER B 101 24.87 15.45 3.17
CA SER B 101 23.90 15.99 2.19
C SER B 101 23.31 14.91 1.29
N GLY B 102 22.93 13.77 1.87
CA GLY B 102 22.34 12.66 1.17
C GLY B 102 23.21 11.81 0.25
N LEU B 103 24.52 12.04 0.28
CA LEU B 103 25.49 11.32 -0.54
C LEU B 103 26.60 10.70 0.33
N PHE B 104 26.77 9.38 0.28
CA PHE B 104 27.67 8.67 1.18
C PHE B 104 28.43 7.57 0.49
N THR B 105 29.59 7.24 1.08
CA THR B 105 30.40 6.10 0.68
C THR B 105 30.52 5.14 1.88
N GLN B 106 30.23 3.86 1.62
CA GLN B 106 30.28 2.82 2.65
C GLN B 106 31.53 1.96 2.49
N TYR B 107 32.29 1.82 3.58
CA TYR B 107 33.51 1.03 3.62
C TYR B 107 33.21 -0.18 4.48
N ASN B 108 33.32 -1.36 3.91
CA ASN B 108 32.90 -2.58 4.57
C ASN B 108 34.14 -3.32 5.04
N ILE B 109 34.33 -3.36 6.37
CA ILE B 109 35.55 -3.85 7.04
C ILE B 109 35.35 -5.22 7.68
N GLN B 110 36.07 -6.21 7.19
CA GLN B 110 35.91 -7.60 7.64
C GLN B 110 36.31 -7.79 9.10
N LYS B 111 35.40 -8.37 9.87
CA LYS B 111 35.69 -8.73 11.26
C LYS B 111 35.92 -10.24 11.38
N LYS B 112 36.29 -10.67 12.58
CA LYS B 112 36.50 -12.09 12.89
C LYS B 112 35.19 -12.88 12.81
N ALA B 113 35.32 -14.17 12.46
CA ALA B 113 34.19 -15.10 12.41
C ALA B 113 33.42 -15.07 13.71
N MET B 114 32.11 -15.31 13.63
CA MET B 114 31.29 -15.38 14.81
C MET B 114 30.11 -16.26 14.51
N THR B 115 29.50 -16.81 15.55
CA THR B 115 28.32 -17.63 15.39
C THR B 115 27.07 -16.74 15.28
N VAL B 116 25.98 -17.30 14.78
CA VAL B 116 24.69 -16.59 14.76
C VAL B 116 24.25 -16.18 16.16
N ARG B 117 24.51 -17.05 17.14
CA ARG B 117 24.26 -16.73 18.55
C ARG B 117 25.00 -15.44 18.97
N GLU B 118 26.32 -15.41 18.76
CA GLU B 118 27.11 -14.19 19.04
C GLU B 118 26.59 -12.97 18.28
N PHE B 119 26.20 -13.17 17.02
CA PHE B 119 25.76 -12.04 16.19
C PHE B 119 24.44 -11.51 16.74
N ARG B 120 23.50 -12.43 17.04
CA ARG B 120 22.18 -12.07 17.56
C ARG B 120 22.27 -11.27 18.84
N LYS B 121 23.20 -11.64 19.71
CA LYS B 121 23.36 -10.92 20.99
C LYS B 121 23.83 -9.47 20.80
N ILE B 122 24.77 -9.25 19.86
CA ILE B 122 25.22 -7.88 19.54
C ILE B 122 24.07 -7.11 18.89
N ALA B 123 23.42 -7.73 17.90
CA ALA B 123 22.30 -7.10 17.19
C ALA B 123 21.16 -6.68 18.14
N ASN B 124 20.85 -7.53 19.11
CA ASN B 124 19.74 -7.25 20.02
C ASN B 124 20.19 -6.46 21.25
N SER B 125 21.49 -6.18 21.36
CA SER B 125 22.02 -5.42 22.50
C SER B 125 21.56 -3.99 22.45
N ASP B 126 21.58 -3.32 23.60
CA ASP B 126 21.21 -1.90 23.70
C ASP B 126 21.93 -1.02 22.68
N LYS B 127 23.20 -1.32 22.41
CA LYS B 127 24.04 -0.46 21.58
C LYS B 127 23.62 -0.48 20.10
N TYR B 128 23.14 -1.62 19.62
CA TYR B 128 22.88 -1.81 18.19
C TYR B 128 21.43 -2.08 17.83
N CYS B 129 20.54 -2.18 18.82
CA CYS B 129 19.15 -2.50 18.52
C CYS B 129 18.41 -1.34 17.86
N THR B 130 17.28 -1.71 17.27
CA THR B 130 16.40 -0.79 16.56
C THR B 130 15.92 0.28 17.51
N PRO B 131 15.98 1.55 17.11
CA PRO B 131 15.43 2.57 17.98
C PRO B 131 13.90 2.53 18.05
N ARG B 132 13.33 3.19 19.07
CA ARG B 132 11.88 3.31 19.19
C ARG B 132 11.37 4.16 18.04
N TYR B 133 10.19 3.82 17.54
CA TYR B 133 9.56 4.57 16.46
C TYR B 133 8.11 4.10 16.23
N SER B 134 7.28 4.99 15.70
CA SER B 134 5.87 4.70 15.44
C SER B 134 5.66 4.21 14.00
N GLU B 135 5.93 5.08 13.02
CA GLU B 135 5.66 4.80 11.60
C GLU B 135 6.95 4.50 10.82
N PHE B 136 6.83 3.86 9.67
CA PHE B 136 8.02 3.54 8.88
C PHE B 136 8.82 4.81 8.57
N GLU B 137 8.13 5.89 8.19
CA GLU B 137 8.78 7.14 7.81
C GLU B 137 9.66 7.70 8.91
N GLU B 138 9.29 7.43 10.18
CA GLU B 138 10.10 7.85 11.32
C GLU B 138 11.41 7.06 11.37
N LEU B 139 11.35 5.75 11.17
CA LEU B 139 12.56 4.92 11.17
C LEU B 139 13.48 5.18 9.96
N GLU B 140 12.88 5.40 8.80
CA GLU B 140 13.59 5.85 7.60
C GLU B 140 14.32 7.17 7.86
N ARG B 141 13.64 8.13 8.48
CA ARG B 141 14.30 9.39 8.87
C ARG B 141 15.50 9.14 9.78
N LYS B 142 15.35 8.22 10.76
CA LYS B 142 16.44 7.88 11.68
C LYS B 142 17.60 7.20 11.00
N TYR B 143 17.30 6.32 10.04
CA TYR B 143 18.31 5.71 9.19
C TYR B 143 19.20 6.75 8.46
N TRP B 144 18.60 7.67 7.72
CA TRP B 144 19.35 8.65 6.94
C TRP B 144 20.02 9.74 7.78
N LYS B 145 19.53 9.96 9.01
CA LYS B 145 20.14 10.92 9.94
C LYS B 145 21.35 10.30 10.69
N ASN B 146 21.29 9.00 10.94
CA ASN B 146 22.29 8.31 11.79
C ASN B 146 23.20 7.25 11.08
N LEU B 147 23.06 7.09 9.77
CA LEU B 147 23.85 6.02 9.09
C LEU B 147 25.37 6.17 9.20
N THR B 148 25.90 7.37 9.40
CA THR B 148 27.34 7.56 9.61
C THR B 148 27.85 7.37 11.07
N PHE B 149 26.92 7.13 12.01
CA PHE B 149 27.24 6.97 13.44
C PHE B 149 27.07 5.50 13.85
N ASN B 150 27.82 5.10 14.86
CA ASN B 150 27.71 3.75 15.46
C ASN B 150 27.74 2.61 14.41
N PRO B 151 28.84 2.49 13.70
CA PRO B 151 28.89 1.53 12.58
C PRO B 151 28.40 0.10 12.93
N PRO B 152 27.36 -0.39 12.24
CA PRO B 152 26.85 -1.73 12.56
C PRO B 152 27.69 -2.86 11.95
N ILE B 153 27.31 -4.09 12.26
CA ILE B 153 27.93 -5.28 11.71
C ILE B 153 26.87 -6.06 10.90
N TYR B 154 27.23 -6.39 9.66
CA TYR B 154 26.37 -7.11 8.72
C TYR B 154 26.97 -8.50 8.50
N GLY B 155 26.18 -9.55 8.77
CA GLY B 155 26.65 -10.93 8.57
C GLY B 155 26.31 -11.33 7.17
N ALA B 156 27.03 -10.76 6.22
CA ALA B 156 26.66 -10.82 4.83
C ALA B 156 27.41 -11.92 4.08
N ASP B 157 26.87 -12.34 2.94
CA ASP B 157 27.52 -13.22 1.99
C ASP B 157 27.91 -14.56 2.59
N VAL B 158 27.07 -15.12 3.44
CA VAL B 158 27.39 -16.44 4.05
C VAL B 158 26.91 -17.52 3.09
N ASN B 159 27.81 -18.41 2.68
CA ASN B 159 27.44 -19.56 1.86
C ASN B 159 26.52 -20.46 2.66
N GLY B 160 25.31 -20.69 2.16
CA GLY B 160 24.38 -21.56 2.82
C GLY B 160 22.94 -21.31 2.47
N THR B 161 22.10 -22.27 2.88
CA THR B 161 20.65 -22.26 2.68
C THR B 161 20.01 -22.65 4.00
N LEU B 162 18.83 -22.10 4.29
CA LEU B 162 18.06 -22.55 5.45
C LEU B 162 16.82 -23.34 5.01
N TYR B 163 16.70 -23.59 3.72
CA TYR B 163 15.62 -24.46 3.27
C TYR B 163 15.92 -25.91 3.66
N GLU B 164 14.87 -26.63 4.01
CA GLU B 164 14.94 -28.08 4.15
C GLU B 164 15.00 -28.70 2.75
N LYS B 165 15.71 -29.82 2.64
CA LYS B 165 16.03 -30.46 1.35
C LYS B 165 14.79 -30.92 0.59
N HIS B 166 13.66 -31.09 1.28
CA HIS B 166 12.43 -31.56 0.65
C HIS B 166 11.60 -30.45 -0.02
N VAL B 167 11.90 -29.18 0.29
CA VAL B 167 11.09 -28.07 -0.22
C VAL B 167 11.34 -27.84 -1.73
N ASP B 168 10.32 -28.10 -2.53
CA ASP B 168 10.43 -28.06 -3.99
C ASP B 168 9.95 -26.75 -4.63
N GLU B 169 9.26 -25.90 -3.89
CA GLU B 169 8.72 -24.65 -4.43
C GLU B 169 9.61 -23.48 -4.02
N TRP B 170 10.04 -22.69 -4.98
CA TRP B 170 10.79 -21.45 -4.71
C TRP B 170 12.02 -21.69 -3.82
N ASN B 171 12.70 -22.80 -4.08
CA ASN B 171 13.86 -23.18 -3.31
C ASN B 171 15.05 -22.48 -3.91
N ILE B 172 15.58 -21.49 -3.18
CA ILE B 172 16.66 -20.59 -3.66
C ILE B 172 17.95 -21.34 -4.07
N GLY B 173 18.15 -22.53 -3.49
CA GLY B 173 19.22 -23.46 -3.88
C GLY B 173 19.04 -24.18 -5.21
N ARG B 174 17.80 -24.24 -5.71
CA ARG B 174 17.51 -24.91 -6.98
C ARG B 174 16.26 -24.40 -7.68
N LEU B 175 16.33 -23.18 -8.23
CA LEU B 175 15.17 -22.54 -8.82
C LEU B 175 14.77 -23.07 -10.21
N ARG B 176 15.72 -23.73 -10.89
CA ARG B 176 15.47 -24.28 -12.22
C ARG B 176 15.11 -23.14 -13.18
N THR B 177 16.08 -22.25 -13.40
CA THR B 177 15.95 -21.24 -14.45
C THR B 177 17.04 -21.52 -15.47
N ILE B 178 17.04 -20.78 -16.57
CA ILE B 178 18.08 -20.95 -17.58
C ILE B 178 19.47 -20.52 -17.12
N LEU B 179 19.59 -19.84 -15.96
CA LEU B 179 20.91 -19.56 -15.36
C LEU B 179 21.67 -20.85 -15.09
N ASP B 180 20.95 -21.95 -14.88
CA ASP B 180 21.56 -23.27 -14.63
C ASP B 180 22.48 -23.76 -15.76
N LEU B 181 22.33 -23.18 -16.95
CA LEU B 181 23.26 -23.47 -18.05
C LEU B 181 24.74 -23.23 -17.73
N VAL B 182 25.02 -22.21 -16.92
CA VAL B 182 26.39 -21.89 -16.52
C VAL B 182 27.05 -23.08 -15.79
N GLU B 183 26.36 -23.66 -14.81
CA GLU B 183 26.89 -24.84 -14.10
C GLU B 183 26.72 -26.14 -14.89
N LYS B 184 25.54 -26.35 -15.47
CA LYS B 184 25.19 -27.62 -16.12
C LYS B 184 25.94 -27.88 -17.43
N GLU B 185 26.00 -26.87 -18.30
CA GLU B 185 26.71 -26.98 -19.56
C GLU B 185 28.22 -26.65 -19.41
N SER B 186 28.57 -25.68 -18.58
CA SER B 186 29.96 -25.22 -18.54
C SER B 186 30.72 -25.53 -17.25
N GLY B 187 30.07 -26.17 -16.28
CA GLY B 187 30.74 -26.58 -15.03
C GLY B 187 31.18 -25.48 -14.05
N ILE B 188 30.71 -24.25 -14.26
CA ILE B 188 31.15 -23.10 -13.46
C ILE B 188 30.15 -22.80 -12.32
N THR B 189 30.70 -22.67 -11.11
CA THR B 189 30.01 -22.27 -9.90
C THR B 189 30.49 -20.87 -9.57
N ILE B 190 29.53 -19.96 -9.35
CA ILE B 190 29.79 -18.59 -8.92
C ILE B 190 28.98 -18.41 -7.64
N GLU B 191 29.69 -18.50 -6.50
CA GLU B 191 29.06 -18.42 -5.20
C GLU B 191 28.21 -17.17 -5.09
N GLY B 192 27.00 -17.33 -4.56
CA GLY B 192 26.05 -16.21 -4.45
C GLY B 192 25.24 -15.89 -5.71
N VAL B 193 25.76 -16.28 -6.89
CA VAL B 193 25.09 -16.06 -8.18
C VAL B 193 24.30 -17.30 -8.56
N ASN B 194 24.96 -18.43 -8.73
CA ASN B 194 24.25 -19.70 -8.89
C ASN B 194 24.31 -20.60 -7.65
N THR B 195 24.70 -20.03 -6.53
CA THR B 195 24.53 -20.70 -5.22
C THR B 195 23.93 -19.71 -4.21
N PRO B 196 23.34 -20.24 -3.12
CA PRO B 196 22.67 -19.33 -2.19
C PRO B 196 23.59 -18.66 -1.16
N TYR B 197 23.19 -17.47 -0.75
CA TYR B 197 23.90 -16.66 0.26
C TYR B 197 22.90 -16.35 1.36
N LEU B 198 23.38 -16.31 2.60
CA LEU B 198 22.57 -15.85 3.72
C LEU B 198 23.09 -14.50 4.20
N TYR B 199 22.18 -13.69 4.70
CA TYR B 199 22.48 -12.34 5.23
C TYR B 199 21.85 -12.19 6.61
N PHE B 200 22.69 -12.04 7.62
CA PHE B 200 22.25 -11.75 8.99
C PHE B 200 22.37 -10.24 9.22
N GLY B 201 21.22 -9.57 9.27
CA GLY B 201 21.14 -8.14 9.50
C GLY B 201 21.00 -7.76 10.96
N MET B 202 21.37 -6.51 11.23
CA MET B 202 20.95 -5.80 12.43
C MET B 202 20.50 -4.41 12.00
N TRP B 203 20.02 -3.61 12.95
CA TRP B 203 19.59 -2.25 12.66
C TRP B 203 20.68 -1.46 11.91
N LYS B 204 20.26 -0.79 10.84
CA LYS B 204 21.08 0.21 10.15
C LYS B 204 22.16 -0.42 9.27
N THR B 205 22.21 -1.75 9.18
CA THR B 205 22.96 -2.40 8.13
C THR B 205 22.31 -2.14 6.75
N SER B 206 23.18 -1.96 5.75
CA SER B 206 22.81 -1.37 4.46
C SER B 206 23.36 -2.12 3.28
N PHE B 207 22.59 -2.01 2.18
CA PHE B 207 23.10 -2.34 0.87
C PHE B 207 22.98 -1.11 -0.04
N ALA B 208 24.13 -0.76 -0.61
CA ALA B 208 24.30 0.35 -1.52
C ALA B 208 23.64 0.10 -2.87
N TRP B 209 23.46 1.19 -3.58
CA TRP B 209 22.88 1.18 -4.93
C TRP B 209 23.63 0.32 -5.93
N HIS B 210 22.91 -0.60 -6.58
CA HIS B 210 23.51 -1.52 -7.51
C HIS B 210 22.44 -2.22 -8.33
N THR B 211 22.88 -2.72 -9.46
CA THR B 211 22.21 -3.81 -10.16
C THR B 211 22.98 -5.11 -9.89
N GLU B 212 22.38 -6.24 -10.24
CA GLU B 212 23.04 -7.51 -10.05
C GLU B 212 24.22 -7.72 -10.99
N ASP B 213 25.09 -8.65 -10.61
CA ASP B 213 26.12 -9.13 -11.49
C ASP B 213 25.50 -9.51 -12.84
N MET B 214 26.09 -9.04 -13.94
CA MET B 214 25.63 -9.31 -15.31
C MET B 214 24.22 -8.85 -15.57
N ASP B 215 23.73 -7.93 -14.75
CA ASP B 215 22.34 -7.43 -14.76
C ASP B 215 21.32 -8.54 -14.70
N LEU B 216 21.64 -9.58 -13.93
CA LEU B 216 20.70 -10.67 -13.63
C LEU B 216 19.52 -10.24 -12.77
N TYR B 217 18.52 -11.11 -12.65
CA TYR B 217 17.52 -11.03 -11.59
C TYR B 217 18.12 -11.48 -10.28
N SER B 218 17.56 -11.00 -9.16
CA SER B 218 17.79 -11.62 -7.85
C SER B 218 16.44 -11.97 -7.19
N ILE B 219 16.53 -12.92 -6.27
CA ILE B 219 15.46 -13.32 -5.39
C ILE B 219 16.00 -13.22 -3.94
N ASN B 220 15.17 -12.68 -3.05
CA ASN B 220 15.52 -12.48 -1.66
C ASN B 220 14.34 -12.89 -0.81
N TYR B 221 14.56 -13.92 0.03
CA TYR B 221 13.56 -14.35 0.99
C TYR B 221 13.96 -13.97 2.40
N LEU B 222 13.06 -13.32 3.12
CA LEU B 222 13.27 -12.97 4.52
C LEU B 222 12.78 -14.13 5.41
N HIS B 223 13.71 -14.97 5.84
CA HIS B 223 13.38 -16.16 6.66
C HIS B 223 12.69 -15.83 7.99
N PHE B 224 13.24 -14.87 8.70
CA PHE B 224 12.75 -14.44 10.02
C PHE B 224 13.30 -13.07 10.39
N GLY B 225 12.65 -12.45 11.37
CA GLY B 225 13.19 -11.31 12.08
C GLY B 225 12.55 -10.03 11.63
N GLU B 226 13.27 -8.94 11.85
CA GLU B 226 12.76 -7.59 11.57
C GLU B 226 12.85 -7.29 10.07
N PRO B 227 12.07 -6.30 9.58
CA PRO B 227 11.99 -6.05 8.17
C PRO B 227 13.28 -5.58 7.47
N LYS B 228 13.24 -5.68 6.14
CA LYS B 228 14.22 -5.12 5.26
C LYS B 228 13.47 -4.14 4.36
N SER B 229 13.91 -2.90 4.33
CA SER B 229 13.35 -1.88 3.44
C SER B 229 14.26 -1.63 2.23
N TRP B 230 13.60 -1.39 1.11
CA TRP B 230 14.21 -1.34 -0.22
C TRP B 230 13.81 -0.07 -0.94
N TYR B 231 14.74 0.45 -1.74
CA TYR B 231 14.48 1.48 -2.74
C TYR B 231 14.78 0.89 -4.12
N SER B 232 14.02 1.31 -5.11
CA SER B 232 14.18 0.82 -6.48
CA SER B 232 14.22 0.83 -6.48
C SER B 232 14.00 1.93 -7.51
N VAL B 233 14.85 1.94 -8.52
CA VAL B 233 14.72 2.80 -9.69
C VAL B 233 14.28 1.94 -10.88
N PRO B 234 13.21 2.37 -11.59
CA PRO B 234 12.80 1.65 -12.79
C PRO B 234 13.95 1.45 -13.78
N PRO B 235 14.15 0.23 -14.29
CA PRO B 235 15.14 -0.03 -15.34
C PRO B 235 15.18 1.00 -16.50
N GLU B 236 14.01 1.48 -16.89
CA GLU B 236 13.94 2.52 -17.93
C GLU B 236 14.52 3.87 -17.47
N HIS B 237 14.77 4.03 -16.18
CA HIS B 237 15.44 5.24 -15.65
C HIS B 237 16.80 5.00 -15.02
N GLY B 238 17.31 3.77 -15.11
CA GLY B 238 18.60 3.43 -14.59
C GLY B 238 19.75 4.27 -15.09
N LYS B 239 19.74 4.64 -16.38
CA LYS B 239 20.85 5.45 -16.92
C LYS B 239 20.94 6.80 -16.25
N ARG B 240 19.79 7.35 -15.88
CA ARG B 240 19.70 8.65 -15.27
C ARG B 240 20.31 8.61 -13.89
N LEU B 241 20.01 7.58 -13.12
CA LEU B 241 20.71 7.34 -11.87
C LEU B 241 22.23 7.25 -12.04
N GLU B 242 22.69 6.53 -13.08
CA GLU B 242 24.14 6.43 -13.35
C GLU B 242 24.77 7.78 -13.68
N ARG B 243 24.08 8.59 -14.47
CA ARG B 243 24.55 9.93 -14.80
C ARG B 243 24.61 10.79 -13.54
N LEU B 244 23.61 10.69 -12.68
CA LEU B 244 23.62 11.41 -11.40
C LEU B 244 24.80 11.02 -10.52
N ALA B 245 24.99 9.72 -10.33
CA ALA B 245 26.09 9.21 -9.54
C ALA B 245 27.45 9.63 -10.07
N LYS B 246 27.65 9.50 -11.38
CA LYS B 246 28.87 9.94 -12.04
C LYS B 246 29.10 11.44 -11.79
N GLY B 247 28.02 12.22 -11.76
CA GLY B 247 28.11 13.64 -11.41
C GLY B 247 28.60 13.93 -10.00
N PHE B 248 28.14 13.12 -9.05
CA PHE B 248 28.53 13.23 -7.65
C PHE B 248 29.88 12.63 -7.35
N PHE B 249 30.28 11.60 -8.08
CA PHE B 249 31.54 10.91 -7.79
C PHE B 249 32.38 10.80 -9.03
N PRO B 250 32.84 11.96 -9.56
CA PRO B 250 33.53 12.01 -10.84
C PRO B 250 34.89 11.32 -10.84
N GLY B 251 35.57 11.32 -9.69
CA GLY B 251 36.83 10.60 -9.55
C GLY B 251 36.63 9.10 -9.63
N SER B 252 35.57 8.61 -8.97
CA SER B 252 35.22 7.19 -9.02
C SER B 252 34.86 6.73 -10.44
N ALA B 253 34.02 7.51 -11.11
CA ALA B 253 33.60 7.21 -12.47
C ALA B 253 34.79 7.22 -13.43
N GLN B 254 35.75 8.12 -13.19
CA GLN B 254 36.99 8.16 -14.00
C GLN B 254 37.77 6.85 -13.94
N SER B 255 37.95 6.32 -12.73
CA SER B 255 38.79 5.14 -12.55
C SER B 255 38.03 3.85 -12.89
N CYS B 256 36.70 3.92 -12.92
CA CYS B 256 35.89 2.77 -13.28
C CYS B 256 34.53 3.22 -13.80
N GLU B 257 34.26 2.87 -15.05
CA GLU B 257 32.94 3.09 -15.64
C GLU B 257 31.80 2.58 -14.74
N ALA B 258 31.89 1.32 -14.35
CA ALA B 258 30.83 0.67 -13.58
C ALA B 258 31.09 0.73 -12.07
N PHE B 259 31.51 1.89 -11.57
CA PHE B 259 31.90 2.02 -10.14
C PHE B 259 30.76 1.75 -9.15
N LEU B 260 29.50 1.86 -9.61
CA LEU B 260 28.38 1.47 -8.75
C LEU B 260 28.41 -0.02 -8.38
N ARG B 261 29.01 -0.84 -9.26
CA ARG B 261 29.23 -2.28 -8.98
C ARG B 261 30.15 -2.58 -7.80
N HIS B 262 30.95 -1.60 -7.39
CA HIS B 262 31.70 -1.68 -6.13
C HIS B 262 30.81 -1.72 -4.91
N LYS B 263 29.55 -1.35 -5.09
CA LYS B 263 28.53 -1.41 -4.05
C LYS B 263 28.96 -0.63 -2.80
N MET B 264 29.45 0.59 -3.03
CA MET B 264 29.87 1.48 -1.96
C MET B 264 29.07 2.78 -1.90
N THR B 265 28.14 2.99 -2.82
CA THR B 265 27.50 4.30 -2.95
C THR B 265 26.06 4.30 -2.41
N LEU B 266 25.81 5.19 -1.43
CA LEU B 266 24.52 5.35 -0.82
C LEU B 266 24.00 6.76 -1.15
N ILE B 267 22.76 6.83 -1.62
CA ILE B 267 22.16 8.08 -2.08
C ILE B 267 20.76 8.12 -1.51
N SER B 268 20.44 9.16 -0.77
CA SER B 268 19.18 9.24 -0.08
C SER B 268 18.04 9.53 -1.05
N PRO B 269 16.82 9.12 -0.66
CA PRO B 269 15.64 9.44 -1.47
C PRO B 269 15.38 10.94 -1.65
N LEU B 270 15.80 11.74 -0.68
CA LEU B 270 15.68 13.18 -0.77
C LEU B 270 16.54 13.72 -1.90
N MET B 271 17.73 13.15 -2.08
CA MET B 271 18.57 13.48 -3.24
C MET B 271 18.03 12.98 -4.56
N LEU B 272 17.48 11.77 -4.59
CA LEU B 272 16.85 11.28 -5.81
C LEU B 272 15.71 12.19 -6.21
N LYS B 273 14.92 12.61 -5.22
CA LYS B 273 13.75 13.46 -5.49
C LYS B 273 14.19 14.84 -6.00
N LYS B 274 15.20 15.40 -5.34
CA LYS B 274 15.78 16.67 -5.74
C LYS B 274 16.24 16.71 -7.20
N TYR B 275 16.90 15.66 -7.65
CA TYR B 275 17.41 15.60 -9.02
C TYR B 275 16.45 14.95 -10.02
N GLY B 276 15.23 14.66 -9.58
CA GLY B 276 14.21 14.16 -10.47
C GLY B 276 14.41 12.71 -10.92
N ILE B 277 15.04 11.87 -10.11
CA ILE B 277 15.16 10.44 -10.46
C ILE B 277 13.91 9.71 -9.91
N PRO B 278 13.13 9.07 -10.80
CA PRO B 278 11.97 8.28 -10.31
C PRO B 278 12.39 7.07 -9.46
N PHE B 279 11.67 6.82 -8.38
CA PHE B 279 11.97 5.66 -7.52
C PHE B 279 10.75 5.30 -6.70
N ASP B 280 10.77 4.10 -6.15
CA ASP B 280 9.74 3.69 -5.24
C ASP B 280 10.41 3.03 -4.03
N LYS B 281 9.61 2.77 -3.01
CA LYS B 281 10.09 2.10 -1.82
C LYS B 281 9.12 1.05 -1.35
N VAL B 282 9.66 0.08 -0.64
CA VAL B 282 8.85 -1.03 -0.14
C VAL B 282 9.52 -1.66 1.07
N THR B 283 8.72 -2.15 2.00
CA THR B 283 9.27 -2.83 3.15
C THR B 283 8.86 -4.30 3.02
N GLN B 284 9.89 -5.15 3.07
CA GLN B 284 9.76 -6.61 3.08
C GLN B 284 9.70 -7.13 4.52
N GLU B 285 8.68 -7.92 4.84
CA GLU B 285 8.54 -8.55 6.16
C GLU B 285 8.92 -10.02 6.14
N ALA B 286 9.11 -10.61 7.34
CA ALA B 286 9.45 -12.03 7.44
C ALA B 286 8.44 -12.83 6.63
N GLY B 287 8.92 -13.84 5.90
CA GLY B 287 8.01 -14.68 5.14
C GLY B 287 7.73 -14.20 3.73
N GLU B 288 8.34 -13.10 3.33
CA GLU B 288 8.10 -12.52 2.01
C GLU B 288 9.31 -12.55 1.10
N PHE B 289 9.03 -12.77 -0.18
CA PHE B 289 10.05 -12.69 -1.23
C PHE B 289 10.10 -11.31 -1.85
N MET B 290 11.31 -10.86 -2.19
CA MET B 290 11.50 -9.76 -3.13
C MET B 290 12.21 -10.30 -4.36
N ILE B 291 11.76 -9.81 -5.51
CA ILE B 291 12.37 -10.09 -6.83
C ILE B 291 12.91 -8.77 -7.39
N THR B 292 14.19 -8.78 -7.76
CA THR B 292 14.76 -7.66 -8.51
C THR B 292 14.93 -8.09 -9.97
N PHE B 293 14.72 -7.12 -10.88
CA PHE B 293 14.69 -7.39 -12.31
C PHE B 293 15.96 -6.86 -12.98
N PRO B 294 16.29 -7.40 -14.17
CA PRO B 294 17.43 -6.88 -14.90
C PRO B 294 17.53 -5.37 -15.03
N TYR B 295 18.69 -4.86 -14.59
CA TYR B 295 19.03 -3.46 -14.65
C TYR B 295 18.14 -2.60 -13.74
N GLY B 296 17.56 -3.20 -12.69
CA GLY B 296 16.80 -2.50 -11.68
C GLY B 296 17.74 -2.16 -10.53
N TYR B 297 18.11 -0.88 -10.45
CA TYR B 297 18.92 -0.40 -9.34
C TYR B 297 18.13 -0.44 -8.04
N HIS B 298 18.75 -0.98 -7.02
CA HIS B 298 18.14 -1.00 -5.70
C HIS B 298 19.18 -0.78 -4.63
N ALA B 299 18.67 -0.37 -3.48
CA ALA B 299 19.44 -0.09 -2.29
C ALA B 299 18.49 -0.28 -1.11
N GLY B 300 19.01 -0.43 0.09
CA GLY B 300 18.18 -0.47 1.23
C GLY B 300 18.85 -0.66 2.58
N PHE B 301 18.05 -1.04 3.57
CA PHE B 301 18.52 -1.19 4.94
C PHE B 301 17.68 -2.16 5.76
N ASN B 302 18.33 -2.79 6.73
CA ASN B 302 17.65 -3.64 7.72
C ASN B 302 17.17 -2.90 8.97
N HIS B 303 15.98 -3.27 9.42
CA HIS B 303 15.33 -2.62 10.55
C HIS B 303 15.90 -3.14 11.85
N GLY B 304 16.43 -4.36 11.84
CA GLY B 304 16.78 -5.02 13.09
C GLY B 304 17.30 -6.39 12.79
N PHE B 305 17.46 -7.20 13.83
CA PHE B 305 17.98 -8.54 13.64
C PHE B 305 17.10 -9.38 12.70
N ASN B 306 17.71 -9.90 11.64
CA ASN B 306 16.96 -10.66 10.64
C ASN B 306 17.86 -11.60 9.84
N CYS B 307 17.24 -12.48 9.05
CA CYS B 307 17.97 -13.38 8.18
C CYS B 307 17.26 -13.53 6.84
N ALA B 308 18.01 -13.27 5.77
CA ALA B 308 17.55 -13.31 4.38
C ALA B 308 18.39 -14.29 3.60
N GLU B 309 17.79 -14.94 2.60
CA GLU B 309 18.52 -15.86 1.73
C GLU B 309 18.34 -15.36 0.34
N SER B 310 19.41 -15.40 -0.45
CA SER B 310 19.37 -14.77 -1.76
C SER B 310 20.25 -15.46 -2.78
N THR B 311 19.91 -15.29 -4.06
CA THR B 311 20.71 -15.78 -5.20
C THR B 311 20.23 -15.02 -6.46
N ASN B 312 20.94 -15.22 -7.56
CA ASN B 312 20.51 -14.74 -8.85
C ASN B 312 19.79 -15.81 -9.64
N PHE B 313 19.03 -15.36 -10.65
CA PHE B 313 18.43 -16.23 -11.64
C PHE B 313 18.24 -15.45 -12.93
N ALA B 314 17.83 -16.14 -13.99
CA ALA B 314 17.63 -15.55 -15.33
C ALA B 314 16.30 -16.00 -15.93
N THR B 315 15.85 -15.27 -16.94
CA THR B 315 14.78 -15.67 -17.83
C THR B 315 15.38 -15.41 -19.22
N ARG B 316 14.63 -15.75 -20.26
CA ARG B 316 15.09 -15.56 -21.65
C ARG B 316 15.34 -14.08 -21.96
N ARG B 317 14.52 -13.23 -21.34
CA ARG B 317 14.64 -11.80 -21.44
C ARG B 317 15.99 -11.28 -20.94
N TRP B 318 16.51 -11.94 -19.91
CA TRP B 318 17.82 -11.56 -19.37
C TRP B 318 18.99 -11.62 -20.38
N ILE B 319 18.91 -12.50 -21.38
CA ILE B 319 20.07 -12.76 -22.25
C ILE B 319 20.59 -11.48 -22.91
N GLU B 320 19.68 -10.64 -23.39
CA GLU B 320 20.11 -9.38 -23.96
C GLU B 320 20.78 -8.43 -22.95
N TYR B 321 20.28 -8.41 -21.71
CA TYR B 321 20.93 -7.64 -20.65
C TYR B 321 22.33 -8.15 -20.33
N GLY B 322 22.46 -9.48 -20.21
CA GLY B 322 23.75 -10.15 -20.04
C GLY B 322 24.74 -9.74 -21.13
N LYS B 323 24.30 -9.79 -22.39
CA LYS B 323 25.13 -9.39 -23.54
C LYS B 323 25.57 -7.92 -23.47
N GLN B 324 24.72 -7.06 -22.93
CA GLN B 324 25.01 -5.63 -22.91
C GLN B 324 25.53 -5.06 -21.59
N ALA B 325 25.62 -5.90 -20.54
CA ALA B 325 25.95 -5.41 -19.19
C ALA B 325 27.31 -4.70 -19.20
N VAL B 326 27.39 -3.52 -18.58
CA VAL B 326 28.67 -2.81 -18.38
C VAL B 326 29.32 -3.27 -17.07
N LEU B 327 30.48 -3.89 -17.18
CA LEU B 327 31.09 -4.58 -16.08
C LEU B 327 32.21 -3.73 -15.47
N CYS B 328 32.49 -4.00 -14.19
CA CYS B 328 33.62 -3.42 -13.51
C CYS B 328 34.92 -3.91 -14.14
N SER B 329 35.70 -2.94 -14.61
CA SER B 329 37.01 -3.15 -15.24
C SER B 329 38.21 -3.10 -14.26
N CYS B 330 38.05 -2.46 -13.10
CA CYS B 330 39.20 -2.06 -12.29
C CYS B 330 39.61 -3.08 -11.23
N ARG B 331 38.76 -4.08 -10.98
CA ARG B 331 39.06 -5.11 -9.97
C ARG B 331 39.24 -6.45 -10.68
N LYS B 332 40.11 -7.28 -10.11
CA LYS B 332 40.36 -8.64 -10.61
C LYS B 332 39.27 -9.61 -10.12
N ASP B 333 38.93 -10.59 -10.95
CA ASP B 333 38.04 -11.67 -10.53
C ASP B 333 36.61 -11.19 -10.16
N MET B 334 36.16 -10.14 -10.85
CA MET B 334 34.76 -9.73 -10.77
C MET B 334 33.95 -10.76 -11.55
N VAL B 335 32.66 -10.84 -11.26
CA VAL B 335 31.81 -11.83 -11.91
C VAL B 335 31.59 -11.44 -13.38
N LYS B 336 31.99 -12.34 -14.28
CA LYS B 336 31.77 -12.15 -15.70
C LYS B 336 31.34 -13.50 -16.26
N ILE B 337 30.11 -13.57 -16.73
CA ILE B 337 29.56 -14.81 -17.28
C ILE B 337 29.73 -14.77 -18.78
N SER B 338 30.27 -15.87 -19.34
CA SER B 338 30.34 -16.05 -20.79
C SER B 338 28.93 -16.23 -21.34
N MET B 339 28.56 -15.33 -22.25
CA MET B 339 27.23 -15.32 -22.84
C MET B 339 27.11 -16.26 -24.02
N ASP B 340 28.24 -16.77 -24.49
CA ASP B 340 28.31 -17.63 -25.65
C ASP B 340 27.26 -18.75 -25.62
N VAL B 341 27.18 -19.49 -24.50
CA VAL B 341 26.24 -20.62 -24.37
C VAL B 341 24.77 -20.21 -24.48
N PHE B 342 24.45 -19.00 -24.03
CA PHE B 342 23.07 -18.48 -24.09
C PHE B 342 22.69 -18.03 -25.49
N VAL B 343 23.64 -17.38 -26.17
CA VAL B 343 23.43 -16.87 -27.51
C VAL B 343 23.30 -18.07 -28.47
N ARG B 344 24.23 -19.02 -28.40
CA ARG B 344 24.16 -20.22 -29.22
CA ARG B 344 24.18 -20.26 -29.18
C ARG B 344 22.83 -20.94 -29.09
N LYS B 345 22.36 -21.12 -27.85
CA LYS B 345 21.14 -21.91 -27.59
C LYS B 345 19.84 -21.18 -27.90
N PHE B 346 19.76 -19.92 -27.49
CA PHE B 346 18.50 -19.16 -27.52
C PHE B 346 18.47 -18.16 -28.65
N GLN B 347 19.64 -17.84 -29.22
CA GLN B 347 19.75 -16.86 -30.31
C GLN B 347 20.66 -17.35 -31.43
N PRO B 348 20.43 -18.56 -31.97
CA PRO B 348 21.40 -19.09 -32.88
C PRO B 348 21.50 -18.31 -34.20
N GLU B 349 20.41 -17.66 -34.61
CA GLU B 349 20.40 -16.89 -35.85
C GLU B 349 21.14 -15.54 -35.69
N ARG B 350 21.41 -15.15 -34.46
CA ARG B 350 22.15 -13.92 -34.16
C ARG B 350 23.61 -14.15 -33.74
N TYR B 351 23.98 -15.42 -33.54
CA TYR B 351 25.26 -15.79 -32.93
C TYR B 351 26.47 -15.31 -33.74
N LYS B 352 26.43 -15.55 -35.03
CA LYS B 352 27.52 -15.15 -35.90
C LYS B 352 27.70 -13.62 -35.88
N LEU B 353 26.60 -12.92 -36.07
CA LEU B 353 26.55 -11.46 -35.94
C LEU B 353 27.12 -10.95 -34.61
N TRP B 354 26.66 -11.53 -33.52
CA TRP B 354 27.10 -11.12 -32.19
C TRP B 354 28.61 -11.37 -31.94
N LYS B 355 29.08 -12.52 -32.39
CA LYS B 355 30.47 -12.89 -32.31
C LYS B 355 31.34 -11.91 -33.11
N ALA B 356 30.79 -11.36 -34.20
CA ALA B 356 31.45 -10.34 -35.02
C ALA B 356 31.44 -8.93 -34.40
N GLY B 357 30.63 -8.72 -33.36
CA GLY B 357 30.47 -7.41 -32.74
C GLY B 357 29.44 -6.52 -33.43
N LYS B 358 28.56 -7.13 -34.21
CA LYS B 358 27.61 -6.39 -35.05
C LYS B 358 26.12 -6.58 -34.65
N ASP B 359 25.89 -7.15 -33.47
CA ASP B 359 24.54 -7.27 -32.96
C ASP B 359 24.19 -5.99 -32.21
N ASN B 360 23.36 -5.15 -32.81
CA ASN B 360 23.04 -3.86 -32.19
C ASN B 360 21.56 -3.77 -31.72
N THR B 361 21.03 -4.88 -31.22
CA THR B 361 19.76 -4.91 -30.50
C THR B 361 19.70 -3.81 -29.44
N VAL B 362 18.60 -3.05 -29.44
CA VAL B 362 18.33 -2.09 -28.37
C VAL B 362 17.30 -2.70 -27.43
N ILE B 363 17.58 -2.67 -26.13
CA ILE B 363 16.67 -3.22 -25.14
C ILE B 363 15.51 -2.24 -24.85
N ASP B 364 14.28 -2.75 -24.93
CA ASP B 364 13.08 -2.07 -24.46
C ASP B 364 12.76 -2.63 -23.06
N HIS B 365 13.02 -1.84 -22.02
CA HIS B 365 12.80 -2.24 -20.62
C HIS B 365 11.32 -2.47 -20.24
N THR B 366 10.39 -2.05 -21.10
CA THR B 366 8.96 -2.23 -20.83
C THR B 366 8.43 -3.61 -21.22
N LEU B 367 9.12 -4.28 -22.13
CA LEU B 367 8.65 -5.57 -22.64
C LEU B 367 8.84 -6.71 -21.62
N PRO B 368 7.80 -7.54 -21.44
CA PRO B 368 7.94 -8.70 -20.61
C PRO B 368 8.72 -9.80 -21.32
N THR B 369 9.14 -10.79 -20.55
CA THR B 369 9.88 -11.91 -21.08
C THR B 369 8.91 -12.71 -21.99
N PRO B 370 9.43 -13.27 -23.09
CA PRO B 370 8.57 -14.00 -24.07
C PRO B 370 7.69 -15.11 -23.47
N GLU B 371 8.18 -15.75 -22.40
CA GLU B 371 7.44 -16.77 -21.63
C GLU B 371 6.10 -16.24 -21.07
N ALA B 372 5.97 -14.91 -20.99
CA ALA B 372 4.73 -14.24 -20.63
C ALA B 372 3.61 -14.33 -21.70
N ALA B 373 3.95 -14.78 -22.91
CA ALA B 373 2.99 -14.86 -24.03
C ALA B 373 1.75 -15.68 -23.68
N GLU B 374 1.97 -16.79 -22.98
CA GLU B 374 0.93 -17.59 -22.31
C GLU B 374 -0.21 -16.79 -21.66
N PHE B 375 0.12 -15.65 -21.04
CA PHE B 375 -0.85 -14.86 -20.28
C PHE B 375 -1.34 -13.61 -21.01
N LEU B 376 -0.67 -13.21 -22.10
CA LEU B 376 -1.00 -11.94 -22.78
C LEU B 376 -1.89 -12.21 -24.01
N ALA C 1 -23.72 25.37 0.38
CA ALA C 1 -23.12 24.04 0.14
C ALA C 1 -23.92 22.92 0.80
N ARG C 2 -23.79 21.73 0.22
CA ARG C 2 -24.39 20.52 0.76
C ARG C 2 -23.50 19.33 0.49
N SER C 4 -22.75 15.83 -1.11
CA SER C 4 -23.18 15.19 -2.36
C SER C 4 -22.54 13.82 -2.50
N THR C 5 -23.34 12.87 -2.98
CA THR C 5 -22.91 11.49 -3.19
C THR C 5 -21.90 11.35 -4.33
N GLY C 6 -21.85 12.32 -5.24
CA GLY C 6 -20.87 12.31 -6.32
C GLY C 6 -21.27 13.19 -7.48
N GLY C 7 -20.36 13.38 -8.43
CA GLY C 7 -20.59 14.25 -9.56
C GLY C 7 -20.58 13.53 -10.90
N ALA D 1 35.17 -16.87 -9.45
CA ALA D 1 34.66 -15.53 -9.00
C ALA D 1 33.47 -15.72 -8.05
N ARG D 2 33.12 -14.67 -7.31
CA ARG D 2 32.00 -14.74 -6.39
C ARG D 2 31.22 -13.42 -6.28
N SER D 4 29.87 -10.57 -4.08
CA SER D 4 30.30 -9.91 -2.85
C SER D 4 29.45 -8.65 -2.58
N THR D 5 29.30 -8.33 -1.29
CA THR D 5 28.35 -7.31 -0.78
C THR D 5 28.84 -5.86 -0.80
N GLY D 6 30.08 -5.64 -1.25
CA GLY D 6 30.68 -4.32 -1.22
C GLY D 6 32.10 -4.39 -0.69
N GLY D 7 32.89 -3.38 -1.03
CA GLY D 7 34.27 -3.31 -0.61
C GLY D 7 34.57 -2.13 0.29
#